data_1UJL
#
_entry.id   1UJL
#
_entity_poly.entity_id   1
_entity_poly.type   'polypeptide(L)'
_entity_poly.pdbx_seq_one_letter_code
;AIGNMEQPHMDSRIGWLHNLGDQIGKPYNSSGLGGPSIKDKY
;
_entity_poly.pdbx_strand_id   A
#
# COMPACT_ATOMS: atom_id res chain seq x y z
N ALA A 1 28.07 -18.54 5.15
CA ALA A 1 26.95 -18.93 4.27
C ALA A 1 25.62 -18.52 4.88
N ILE A 2 25.06 -17.41 4.41
CA ILE A 2 23.79 -16.92 4.91
C ILE A 2 22.63 -17.53 4.14
N GLY A 3 21.44 -17.51 4.73
CA GLY A 3 20.27 -18.06 4.08
C GLY A 3 19.03 -17.99 4.94
N ASN A 4 19.21 -18.10 6.26
CA ASN A 4 18.09 -18.05 7.19
C ASN A 4 18.04 -16.69 7.88
N MET A 5 18.36 -15.64 7.13
CA MET A 5 18.37 -14.28 7.64
C MET A 5 17.07 -13.96 8.38
N GLU A 6 17.08 -12.89 9.17
CA GLU A 6 15.91 -12.49 9.93
C GLU A 6 14.82 -11.94 9.01
N GLN A 7 14.27 -12.82 8.17
CA GLN A 7 13.23 -12.43 7.23
C GLN A 7 11.85 -12.77 7.80
N PRO A 8 10.77 -12.27 7.18
CA PRO A 8 9.40 -12.54 7.63
C PRO A 8 8.99 -13.99 7.41
N HIS A 9 9.67 -14.89 8.11
CA HIS A 9 9.38 -16.32 7.99
C HIS A 9 8.38 -16.75 9.06
N MET A 10 8.71 -16.47 10.32
CA MET A 10 7.85 -16.83 11.44
C MET A 10 7.51 -15.61 12.29
N ASP A 11 7.41 -14.45 11.64
CA ASP A 11 7.10 -13.22 12.33
C ASP A 11 5.79 -12.61 11.81
N SER A 12 5.84 -12.03 10.61
CA SER A 12 4.67 -11.42 10.00
C SER A 12 5.00 -10.84 8.64
N ARG A 13 3.97 -10.52 7.87
CA ARG A 13 4.15 -9.95 6.54
C ARG A 13 3.90 -8.45 6.55
N ILE A 14 2.79 -8.05 7.15
CA ILE A 14 2.41 -6.64 7.25
C ILE A 14 2.63 -5.90 5.94
N GLY A 15 2.54 -4.58 5.98
CA GLY A 15 2.74 -3.77 4.78
C GLY A 15 1.50 -3.74 3.90
N TRP A 16 0.38 -4.20 4.43
CA TRP A 16 -0.87 -4.20 3.67
C TRP A 16 -1.14 -2.83 3.10
N LEU A 17 -0.88 -1.80 3.90
CA LEU A 17 -1.06 -0.42 3.47
C LEU A 17 -0.04 -0.07 2.39
N HIS A 18 1.03 -0.85 2.38
CA HIS A 18 2.11 -0.68 1.43
C HIS A 18 1.91 -1.58 0.22
N ASN A 19 0.67 -2.00 0.02
CA ASN A 19 0.32 -2.87 -1.10
C ASN A 19 -0.86 -2.29 -1.86
N LEU A 20 -1.89 -1.89 -1.12
CA LEU A 20 -3.09 -1.30 -1.73
C LEU A 20 -2.73 -0.05 -2.53
N GLY A 21 -1.64 0.60 -2.14
CA GLY A 21 -1.22 1.80 -2.84
C GLY A 21 -0.97 1.57 -4.32
N ASP A 22 -0.30 0.47 -4.63
CA ASP A 22 0.00 0.12 -6.02
C ASP A 22 -1.20 -0.56 -6.68
N GLN A 23 -1.96 -1.30 -5.89
CA GLN A 23 -3.13 -2.01 -6.40
C GLN A 23 -4.12 -1.04 -7.02
N ILE A 24 -4.34 0.08 -6.35
CA ILE A 24 -5.27 1.11 -6.82
C ILE A 24 -4.53 2.22 -7.56
N GLY A 25 -3.74 2.99 -6.82
CA GLY A 25 -2.99 4.08 -7.42
C GLY A 25 -2.94 5.30 -6.53
N LYS A 26 -1.73 5.79 -6.27
CA LYS A 26 -1.54 6.97 -5.43
C LYS A 26 -0.64 7.99 -6.12
N PRO A 27 -1.16 8.66 -7.17
CA PRO A 27 -0.41 9.67 -7.91
C PRO A 27 -0.06 10.89 -7.07
N TYR A 28 -0.97 11.26 -6.17
CA TYR A 28 -0.75 12.41 -5.30
C TYR A 28 -1.64 12.34 -4.06
N ASN A 29 -1.78 11.14 -3.51
CA ASN A 29 -2.60 10.93 -2.31
C ASN A 29 -3.98 11.56 -2.48
N SER A 30 -4.93 10.77 -2.95
CA SER A 30 -6.30 11.26 -3.16
C SER A 30 -7.32 10.20 -2.75
N SER A 31 -7.20 9.72 -1.52
CA SER A 31 -8.12 8.69 -1.02
C SER A 31 -8.00 7.41 -1.83
N GLY A 32 -8.55 6.32 -1.29
CA GLY A 32 -8.48 5.05 -1.99
C GLY A 32 -9.77 4.24 -1.82
N LEU A 33 -10.89 4.86 -2.16
CA LEU A 33 -12.19 4.19 -2.05
C LEU A 33 -12.41 3.24 -3.21
N GLY A 34 -13.42 2.38 -3.10
CA GLY A 34 -13.73 1.45 -4.15
C GLY A 34 -15.02 1.78 -4.89
N GLY A 35 -14.93 2.71 -5.83
CA GLY A 35 -16.10 3.11 -6.58
C GLY A 35 -15.82 4.27 -7.53
N PRO A 36 -14.93 4.06 -8.52
CA PRO A 36 -14.58 5.11 -9.49
C PRO A 36 -15.79 5.61 -10.26
N SER A 37 -16.64 4.68 -10.70
CA SER A 37 -17.84 5.02 -11.45
C SER A 37 -18.71 6.00 -10.67
N ILE A 38 -18.88 5.74 -9.38
CA ILE A 38 -19.68 6.59 -8.52
C ILE A 38 -19.04 7.97 -8.35
N LYS A 39 -17.82 7.98 -7.83
CA LYS A 39 -17.09 9.23 -7.61
C LYS A 39 -17.14 10.11 -8.85
N ASP A 40 -17.24 9.49 -10.02
CA ASP A 40 -17.30 10.23 -11.28
C ASP A 40 -18.73 10.62 -11.61
N LYS A 41 -19.68 9.83 -11.11
CA LYS A 41 -21.10 10.12 -11.34
C LYS A 41 -21.55 11.31 -10.50
N TYR A 42 -20.74 11.65 -9.49
CA TYR A 42 -21.05 12.77 -8.61
C TYR A 42 -19.78 13.51 -8.21
N ALA A 1 28.26 -19.12 3.13
CA ALA A 1 27.04 -19.48 2.35
C ALA A 1 25.79 -19.00 3.07
N ILE A 2 25.15 -17.96 2.52
CA ILE A 2 23.95 -17.41 3.10
C ILE A 2 22.70 -18.07 2.51
N GLY A 3 21.65 -18.16 3.32
CA GLY A 3 20.42 -18.78 2.86
C GLY A 3 19.35 -18.81 3.94
N ASN A 4 19.28 -17.76 4.74
CA ASN A 4 18.31 -17.66 5.82
C ASN A 4 18.13 -16.22 6.28
N MET A 5 18.29 -15.29 5.34
CA MET A 5 18.16 -13.86 5.64
C MET A 5 16.89 -13.57 6.43
N GLU A 6 16.74 -12.32 6.86
CA GLU A 6 15.56 -11.92 7.63
C GLU A 6 14.32 -11.91 6.76
N GLN A 7 13.91 -13.09 6.30
CA GLN A 7 12.73 -13.22 5.46
C GLN A 7 11.51 -13.59 6.30
N PRO A 8 10.31 -13.55 5.70
CA PRO A 8 9.06 -13.87 6.40
C PRO A 8 8.92 -15.37 6.66
N HIS A 9 9.59 -15.85 7.71
CA HIS A 9 9.53 -17.26 8.06
C HIS A 9 8.67 -17.49 9.30
N MET A 10 7.35 -17.49 9.11
CA MET A 10 6.43 -17.69 10.22
C MET A 10 6.60 -16.61 11.28
N ASP A 11 6.98 -15.41 10.84
CA ASP A 11 7.18 -14.30 11.76
C ASP A 11 6.14 -13.20 11.52
N SER A 12 6.21 -12.57 10.35
CA SER A 12 5.27 -11.51 10.01
C SER A 12 5.56 -10.97 8.61
N ARG A 13 4.55 -10.33 8.00
CA ARG A 13 4.70 -9.77 6.67
C ARG A 13 4.23 -8.32 6.63
N ILE A 14 3.00 -8.09 7.12
CA ILE A 14 2.42 -6.76 7.15
C ILE A 14 2.66 -6.00 5.85
N GLY A 15 2.39 -4.69 5.87
CA GLY A 15 2.58 -3.89 4.68
C GLY A 15 1.32 -3.74 3.85
N TRP A 16 0.18 -4.07 4.46
CA TRP A 16 -1.10 -3.98 3.76
C TRP A 16 -1.26 -2.60 3.13
N LEU A 17 -0.81 -1.58 3.85
CA LEU A 17 -0.88 -0.21 3.36
C LEU A 17 0.15 0.00 2.25
N HIS A 18 1.15 -0.86 2.26
CA HIS A 18 2.22 -0.82 1.28
C HIS A 18 1.93 -1.76 0.12
N ASN A 19 0.66 -2.10 -0.05
CA ASN A 19 0.24 -2.99 -1.12
C ASN A 19 -0.93 -2.38 -1.88
N LEU A 20 -1.95 -1.95 -1.14
CA LEU A 20 -3.12 -1.34 -1.74
C LEU A 20 -2.75 -0.03 -2.44
N GLY A 21 -1.65 0.59 -2.02
CA GLY A 21 -1.21 1.83 -2.62
C GLY A 21 -1.06 1.71 -4.12
N ASP A 22 -0.27 0.73 -4.55
CA ASP A 22 -0.04 0.51 -5.98
C ASP A 22 -1.16 -0.35 -6.57
N GLN A 23 -1.80 -1.16 -5.71
CA GLN A 23 -2.88 -2.03 -6.14
C GLN A 23 -4.00 -1.23 -6.80
N ILE A 24 -4.23 -0.02 -6.31
CA ILE A 24 -5.27 0.85 -6.85
C ILE A 24 -4.71 1.76 -7.94
N GLY A 25 -3.69 2.54 -7.58
CA GLY A 25 -3.09 3.45 -8.53
C GLY A 25 -3.30 4.90 -8.18
N LYS A 26 -3.68 5.16 -6.93
CA LYS A 26 -3.93 6.51 -6.46
C LYS A 26 -2.78 7.45 -6.83
N PRO A 27 -3.08 8.57 -7.52
CA PRO A 27 -2.05 9.53 -7.93
C PRO A 27 -1.27 10.09 -6.75
N TYR A 28 -1.97 10.79 -5.85
CA TYR A 28 -1.33 11.38 -4.68
C TYR A 28 -2.17 11.13 -3.42
N ASN A 29 -2.56 9.88 -3.23
CA ASN A 29 -3.37 9.50 -2.07
C ASN A 29 -4.60 10.39 -1.94
N SER A 30 -5.53 10.24 -2.88
CA SER A 30 -6.76 11.02 -2.88
C SER A 30 -7.98 10.12 -2.74
N SER A 31 -8.24 9.66 -1.52
CA SER A 31 -9.39 8.79 -1.25
C SER A 31 -9.27 7.49 -2.04
N GLY A 32 -8.85 6.42 -1.35
CA GLY A 32 -8.72 5.14 -2.00
C GLY A 32 -9.93 4.25 -1.82
N LEU A 33 -11.09 4.88 -1.69
CA LEU A 33 -12.34 4.13 -1.51
C LEU A 33 -12.70 3.35 -2.76
N GLY A 34 -13.71 2.49 -2.66
CA GLY A 34 -14.13 1.70 -3.79
C GLY A 34 -15.49 2.14 -4.33
N GLY A 35 -15.49 2.74 -5.52
CA GLY A 35 -16.73 3.18 -6.12
C GLY A 35 -16.53 4.36 -7.05
N PRO A 36 -15.90 4.14 -8.22
CA PRO A 36 -15.64 5.20 -9.20
C PRO A 36 -16.92 5.71 -9.85
N SER A 37 -17.76 4.79 -10.29
CA SER A 37 -19.03 5.14 -10.93
C SER A 37 -19.85 6.07 -10.04
N ILE A 38 -19.87 5.77 -8.74
CA ILE A 38 -20.62 6.57 -7.78
C ILE A 38 -19.97 7.95 -7.60
N LYS A 39 -18.72 7.95 -7.13
CA LYS A 39 -17.99 9.18 -6.92
C LYS A 39 -18.11 10.11 -8.14
N ASP A 40 -18.27 9.51 -9.31
CA ASP A 40 -18.40 10.28 -10.54
C ASP A 40 -19.85 10.69 -10.78
N LYS A 41 -20.78 9.90 -10.25
CA LYS A 41 -22.20 10.19 -10.39
C LYS A 41 -22.59 11.34 -9.46
N TYR A 42 -21.73 11.63 -8.50
CA TYR A 42 -21.99 12.71 -7.55
C TYR A 42 -20.69 13.41 -7.14
N ALA A 1 14.19 -35.88 20.68
CA ALA A 1 14.56 -34.95 19.58
C ALA A 1 14.47 -33.50 20.03
N ILE A 2 15.56 -32.76 19.88
CA ILE A 2 15.61 -31.36 20.28
C ILE A 2 15.24 -30.45 19.11
N GLY A 3 14.49 -29.41 19.40
CA GLY A 3 14.08 -28.48 18.36
C GLY A 3 13.00 -27.53 18.82
N ASN A 4 13.40 -26.41 19.41
CA ASN A 4 12.45 -25.41 19.91
C ASN A 4 12.31 -24.25 18.91
N MET A 5 12.79 -24.46 17.69
CA MET A 5 12.72 -23.44 16.65
C MET A 5 11.31 -22.87 16.52
N GLU A 6 11.04 -21.79 17.24
CA GLU A 6 9.73 -21.15 17.20
C GLU A 6 9.63 -20.22 15.99
N GLN A 7 8.74 -19.23 16.07
CA GLN A 7 8.55 -18.29 14.97
C GLN A 7 8.81 -16.85 15.43
N PRO A 8 9.97 -16.59 16.06
CA PRO A 8 10.32 -15.25 16.53
C PRO A 8 10.82 -14.35 15.40
N HIS A 9 10.00 -14.21 14.36
CA HIS A 9 10.37 -13.37 13.22
C HIS A 9 9.13 -12.71 12.62
N MET A 10 8.72 -11.60 13.23
CA MET A 10 7.55 -10.86 12.76
C MET A 10 7.96 -9.73 11.81
N ASP A 11 8.87 -10.03 10.89
CA ASP A 11 9.35 -9.04 9.93
C ASP A 11 8.79 -9.33 8.54
N SER A 12 7.60 -9.92 8.49
CA SER A 12 6.96 -10.24 7.22
C SER A 12 5.44 -10.15 7.34
N ARG A 13 4.76 -10.23 6.20
CA ARG A 13 3.30 -10.16 6.14
C ARG A 13 2.81 -8.72 6.21
N ILE A 14 3.35 -7.95 7.14
CA ILE A 14 2.96 -6.55 7.30
C ILE A 14 3.19 -5.77 6.01
N GLY A 15 2.47 -4.67 5.85
CA GLY A 15 2.60 -3.85 4.66
C GLY A 15 1.32 -3.76 3.86
N TRP A 16 0.20 -4.14 4.47
CA TRP A 16 -1.09 -4.09 3.79
C TRP A 16 -1.31 -2.72 3.18
N LEU A 17 -0.89 -1.69 3.91
CA LEU A 17 -1.01 -0.32 3.44
C LEU A 17 -0.02 -0.06 2.30
N HIS A 18 1.01 -0.89 2.27
CA HIS A 18 2.06 -0.80 1.27
C HIS A 18 1.76 -1.74 0.10
N ASN A 19 0.49 -2.10 -0.04
CA ASN A 19 0.06 -2.99 -1.11
C ASN A 19 -1.15 -2.39 -1.82
N LEU A 20 -2.12 -1.93 -1.05
CA LEU A 20 -3.32 -1.33 -1.60
C LEU A 20 -2.98 -0.09 -2.42
N GLY A 21 -1.87 0.56 -2.04
CA GLY A 21 -1.45 1.75 -2.75
C GLY A 21 -0.97 1.46 -4.15
N ASP A 22 -0.38 0.28 -4.34
CA ASP A 22 0.12 -0.13 -5.65
C ASP A 22 -1.02 -0.62 -6.53
N GLN A 23 -1.94 -1.37 -5.94
CA GLN A 23 -3.08 -1.91 -6.68
C GLN A 23 -3.92 -0.79 -7.27
N ILE A 24 -4.16 0.25 -6.47
CA ILE A 24 -4.95 1.39 -6.91
C ILE A 24 -4.14 2.31 -7.82
N GLY A 25 -3.13 2.94 -7.26
CA GLY A 25 -2.29 3.84 -8.03
C GLY A 25 -2.59 5.31 -7.74
N LYS A 26 -1.54 6.06 -7.43
CA LYS A 26 -1.69 7.49 -7.14
C LYS A 26 -1.51 8.33 -8.41
N PRO A 27 -2.58 8.94 -8.92
CA PRO A 27 -2.52 9.77 -10.12
C PRO A 27 -1.72 11.06 -9.90
N TYR A 28 -1.99 11.74 -8.79
CA TYR A 28 -1.30 12.97 -8.46
C TYR A 28 -1.19 13.15 -6.94
N ASN A 29 -1.86 14.16 -6.40
CA ASN A 29 -1.82 14.43 -4.96
C ASN A 29 -2.90 13.63 -4.25
N SER A 30 -4.12 13.69 -4.76
CA SER A 30 -5.24 12.97 -4.16
C SER A 30 -5.48 13.45 -2.73
N SER A 31 -6.58 14.16 -2.52
CA SER A 31 -6.93 14.67 -1.21
C SER A 31 -5.86 15.62 -0.69
N GLY A 32 -5.83 16.83 -1.22
CA GLY A 32 -4.84 17.82 -0.80
C GLY A 32 -5.46 18.93 0.02
N LEU A 33 -6.23 19.80 -0.63
CA LEU A 33 -6.87 20.92 0.05
C LEU A 33 -8.17 20.47 0.71
N GLY A 34 -8.72 21.33 1.57
CA GLY A 34 -9.96 21.01 2.25
C GLY A 34 -11.15 21.06 1.32
N GLY A 35 -11.20 22.09 0.48
CA GLY A 35 -12.31 22.23 -0.45
C GLY A 35 -12.88 23.64 -0.48
N PRO A 36 -12.31 24.53 -1.30
CA PRO A 36 -12.76 25.92 -1.39
C PRO A 36 -14.23 26.03 -1.80
N SER A 37 -14.64 25.19 -2.74
CA SER A 37 -16.02 25.19 -3.22
C SER A 37 -17.00 24.99 -2.07
N ILE A 38 -16.72 24.01 -1.22
CA ILE A 38 -17.57 23.73 -0.08
C ILE A 38 -17.50 24.86 0.96
N LYS A 39 -16.29 25.12 1.45
CA LYS A 39 -16.08 26.18 2.44
C LYS A 39 -16.78 27.47 2.02
N ASP A 40 -16.91 27.68 0.71
CA ASP A 40 -17.57 28.88 0.20
C ASP A 40 -19.07 28.65 0.04
N LYS A 41 -19.47 27.40 -0.11
CA LYS A 41 -20.87 27.06 -0.24
C LYS A 41 -21.58 27.19 1.10
N TYR A 42 -20.78 27.21 2.17
CA TYR A 42 -21.33 27.34 3.52
C TYR A 42 -20.44 28.23 4.38
N ALA A 1 2.04 -2.76 27.54
CA ALA A 1 2.79 -1.76 26.74
C ALA A 1 4.10 -2.35 26.24
N ILE A 2 4.65 -1.75 25.19
CA ILE A 2 5.91 -2.21 24.61
C ILE A 2 7.04 -1.25 24.91
N GLY A 3 8.27 -1.76 24.86
CA GLY A 3 9.42 -0.92 25.12
C GLY A 3 9.57 0.21 24.12
N ASN A 4 9.93 -0.14 22.89
CA ASN A 4 10.10 0.85 21.84
C ASN A 4 9.26 0.51 20.62
N MET A 5 9.13 -0.79 20.34
CA MET A 5 8.36 -1.28 19.20
C MET A 5 7.02 -0.56 19.09
N GLU A 6 6.92 0.39 18.17
CA GLU A 6 5.69 1.13 17.96
C GLU A 6 5.66 1.75 16.57
N GLN A 7 6.77 2.38 16.18
CA GLN A 7 6.87 3.01 14.88
C GLN A 7 7.25 1.98 13.81
N PRO A 8 6.90 2.24 12.54
CA PRO A 8 7.21 1.35 11.43
C PRO A 8 8.66 1.45 10.98
N HIS A 9 9.33 0.31 10.86
CA HIS A 9 10.72 0.27 10.44
C HIS A 9 11.26 -1.16 10.47
N MET A 10 11.69 -1.64 9.31
CA MET A 10 12.24 -2.99 9.16
C MET A 10 11.57 -3.99 10.10
N ASP A 11 10.26 -4.16 9.94
CA ASP A 11 9.50 -5.08 10.78
C ASP A 11 9.28 -6.41 10.07
N SER A 12 9.10 -6.35 8.75
CA SER A 12 8.87 -7.55 7.95
C SER A 12 7.67 -8.34 8.47
N ARG A 13 6.51 -7.69 8.47
CA ARG A 13 5.28 -8.33 8.94
C ARG A 13 4.05 -7.67 8.32
N ILE A 14 3.90 -6.37 8.57
CA ILE A 14 2.76 -5.62 8.05
C ILE A 14 3.13 -4.93 6.74
N GLY A 15 2.24 -5.04 5.76
CA GLY A 15 2.48 -4.41 4.47
C GLY A 15 1.21 -4.23 3.65
N TRP A 16 0.06 -4.41 4.28
CA TRP A 16 -1.21 -4.26 3.58
C TRP A 16 -1.27 -2.91 2.86
N LEU A 17 -0.84 -1.88 3.57
CA LEU A 17 -0.80 -0.53 3.01
C LEU A 17 0.21 -0.46 1.88
N HIS A 18 1.12 -1.43 1.89
CA HIS A 18 2.16 -1.53 0.88
C HIS A 18 1.72 -2.44 -0.25
N ASN A 19 0.41 -2.62 -0.38
CA ASN A 19 -0.16 -3.47 -1.41
C ASN A 19 -1.27 -2.73 -2.15
N LEU A 20 -2.20 -2.17 -1.38
CA LEU A 20 -3.32 -1.43 -1.94
C LEU A 20 -2.86 -0.06 -2.46
N GLY A 21 -1.79 0.46 -1.88
CA GLY A 21 -1.27 1.75 -2.28
C GLY A 21 -0.81 1.75 -3.73
N ASP A 22 -0.39 0.59 -4.22
CA ASP A 22 0.08 0.46 -5.60
C ASP A 22 -1.03 -0.04 -6.51
N GLN A 23 -1.80 -1.01 -6.02
CA GLN A 23 -2.90 -1.57 -6.79
C GLN A 23 -3.95 -0.51 -7.10
N ILE A 24 -4.09 0.45 -6.19
CA ILE A 24 -5.06 1.53 -6.36
C ILE A 24 -4.69 2.42 -7.55
N GLY A 25 -3.42 2.38 -7.95
CA GLY A 25 -2.98 3.19 -9.06
C GLY A 25 -3.37 2.60 -10.41
N LYS A 26 -3.85 1.36 -10.41
CA LYS A 26 -4.26 0.70 -11.63
C LYS A 26 -5.33 -0.36 -11.34
N PRO A 27 -6.50 0.06 -10.82
CA PRO A 27 -7.61 -0.84 -10.49
C PRO A 27 -7.93 -1.79 -11.65
N TYR A 28 -8.35 -1.23 -12.77
CA TYR A 28 -8.68 -2.03 -13.95
C TYR A 28 -9.00 -1.13 -15.14
N ASN A 29 -7.94 -0.68 -15.81
CA ASN A 29 -8.09 0.19 -16.98
C ASN A 29 -8.88 1.45 -16.62
N SER A 30 -8.64 1.97 -15.42
CA SER A 30 -9.33 3.17 -14.95
C SER A 30 -10.84 3.04 -15.10
N SER A 31 -11.35 1.85 -14.83
CA SER A 31 -12.78 1.60 -14.95
C SER A 31 -13.27 1.84 -16.37
N GLY A 32 -14.50 1.42 -16.65
CA GLY A 32 -15.07 1.61 -17.98
C GLY A 32 -16.52 2.03 -17.94
N LEU A 33 -16.81 3.09 -17.20
CA LEU A 33 -18.17 3.60 -17.08
C LEU A 33 -18.37 4.81 -17.97
N GLY A 34 -19.61 5.04 -18.39
CA GLY A 34 -19.92 6.17 -19.24
C GLY A 34 -20.94 7.10 -18.64
N GLY A 35 -21.86 7.60 -19.47
CA GLY A 35 -22.88 8.50 -18.98
C GLY A 35 -24.12 8.49 -19.87
N PRO A 36 -25.17 9.24 -19.48
CA PRO A 36 -26.42 9.31 -20.26
C PRO A 36 -26.20 9.78 -21.69
N SER A 37 -25.36 10.80 -21.84
CA SER A 37 -25.07 11.36 -23.15
C SER A 37 -24.55 10.28 -24.10
N ILE A 38 -23.61 9.48 -23.61
CA ILE A 38 -23.02 8.41 -24.41
C ILE A 38 -24.06 7.31 -24.68
N LYS A 39 -24.60 6.74 -23.61
CA LYS A 39 -25.59 5.69 -23.73
C LYS A 39 -26.69 6.08 -24.72
N ASP A 40 -26.94 7.37 -24.85
CA ASP A 40 -27.95 7.88 -25.75
C ASP A 40 -27.38 8.09 -27.14
N LYS A 41 -26.07 8.32 -27.21
CA LYS A 41 -25.39 8.53 -28.47
C LYS A 41 -25.25 7.20 -29.22
N TYR A 42 -25.40 6.10 -28.48
CA TYR A 42 -25.31 4.77 -29.06
C TYR A 42 -26.34 3.83 -28.44
N ALA A 1 14.38 -0.53 16.74
CA ALA A 1 13.87 -1.86 16.35
C ALA A 1 15.02 -2.82 16.00
N ILE A 2 15.70 -3.29 17.04
CA ILE A 2 16.83 -4.20 16.86
C ILE A 2 16.54 -5.56 17.49
N GLY A 3 17.15 -6.60 16.94
CA GLY A 3 16.96 -7.94 17.47
C GLY A 3 15.95 -8.74 16.67
N ASN A 4 15.69 -8.31 15.44
CA ASN A 4 14.75 -9.00 14.56
C ASN A 4 15.05 -8.74 13.10
N MET A 5 16.30 -8.37 12.81
CA MET A 5 16.73 -8.07 11.45
C MET A 5 16.30 -9.19 10.49
N GLU A 6 16.56 -8.97 9.20
CA GLU A 6 16.21 -9.94 8.17
C GLU A 6 16.78 -11.32 8.49
N GLN A 7 16.05 -12.10 9.28
CA GLN A 7 16.49 -13.43 9.65
C GLN A 7 15.47 -14.48 9.22
N PRO A 8 15.76 -15.77 9.48
CA PRO A 8 14.85 -16.86 9.09
C PRO A 8 13.71 -17.05 10.11
N HIS A 9 12.82 -16.06 10.18
CA HIS A 9 11.70 -16.13 11.11
C HIS A 9 10.41 -16.47 10.37
N MET A 10 10.00 -15.61 9.46
CA MET A 10 8.79 -15.82 8.68
C MET A 10 7.56 -15.86 9.59
N ASP A 11 7.55 -15.01 10.61
CA ASP A 11 6.45 -14.96 11.56
C ASP A 11 5.70 -13.63 11.44
N SER A 12 5.68 -13.07 10.24
CA SER A 12 5.00 -11.80 10.00
C SER A 12 5.06 -11.42 8.53
N ARG A 13 4.20 -10.49 8.12
CA ARG A 13 4.15 -10.04 6.74
C ARG A 13 3.37 -8.72 6.62
N ILE A 14 3.67 -7.79 7.51
CA ILE A 14 3.00 -6.49 7.51
C ILE A 14 3.29 -5.72 6.22
N GLY A 15 2.43 -4.76 5.90
CA GLY A 15 2.62 -3.97 4.70
C GLY A 15 1.35 -3.85 3.88
N TRP A 16 0.21 -4.22 4.46
CA TRP A 16 -1.07 -4.14 3.75
C TRP A 16 -1.24 -2.77 3.12
N LEU A 17 -0.93 -1.74 3.89
CA LEU A 17 -1.03 -0.37 3.41
C LEU A 17 -0.04 -0.13 2.29
N HIS A 18 0.98 -0.99 2.26
CA HIS A 18 2.03 -0.92 1.27
C HIS A 18 1.72 -1.86 0.10
N ASN A 19 0.44 -2.20 -0.05
CA ASN A 19 0.00 -3.09 -1.11
C ASN A 19 -1.16 -2.45 -1.87
N LEU A 20 -2.15 -1.97 -1.13
CA LEU A 20 -3.31 -1.32 -1.71
C LEU A 20 -2.90 -0.08 -2.49
N GLY A 21 -1.85 0.58 -2.01
CA GLY A 21 -1.36 1.78 -2.67
C GLY A 21 -0.94 1.53 -4.10
N ASP A 22 -0.40 0.35 -4.35
CA ASP A 22 0.04 -0.01 -5.69
C ASP A 22 -1.12 -0.54 -6.53
N GLN A 23 -2.04 -1.23 -5.86
CA GLN A 23 -3.21 -1.79 -6.54
C GLN A 23 -4.02 -0.69 -7.21
N ILE A 24 -4.12 0.46 -6.54
CA ILE A 24 -4.88 1.59 -7.06
C ILE A 24 -4.23 2.13 -8.34
N GLY A 25 -3.00 2.62 -8.21
CA GLY A 25 -2.29 3.16 -9.36
C GLY A 25 -1.83 4.60 -9.15
N LYS A 26 -2.05 5.12 -7.95
CA LYS A 26 -1.65 6.50 -7.63
C LYS A 26 -0.48 6.51 -6.65
N PRO A 27 0.76 6.65 -7.16
CA PRO A 27 1.95 6.67 -6.32
C PRO A 27 1.84 7.69 -5.18
N TYR A 28 1.77 8.97 -5.54
CA TYR A 28 1.66 10.03 -4.55
C TYR A 28 1.68 11.41 -5.21
N ASN A 29 1.03 11.51 -6.37
CA ASN A 29 0.97 12.78 -7.10
C ASN A 29 2.36 13.37 -7.28
N SER A 30 2.94 13.17 -8.47
CA SER A 30 4.27 13.68 -8.77
C SER A 30 4.17 14.86 -9.75
N SER A 31 5.02 14.87 -10.76
CA SER A 31 5.03 15.94 -11.76
C SER A 31 5.63 15.46 -13.07
N GLY A 32 6.85 14.96 -13.01
CA GLY A 32 7.52 14.48 -14.21
C GLY A 32 7.38 12.98 -14.38
N LEU A 33 6.27 12.44 -13.90
CA LEU A 33 6.02 11.00 -14.01
C LEU A 33 5.05 10.71 -15.16
N GLY A 34 5.14 9.51 -15.71
CA GLY A 34 4.28 9.12 -16.81
C GLY A 34 2.83 8.99 -16.39
N GLY A 35 2.37 7.75 -16.24
CA GLY A 35 0.99 7.52 -15.84
C GLY A 35 0.44 6.22 -16.39
N PRO A 36 -0.56 5.63 -15.73
CA PRO A 36 -1.18 4.37 -16.17
C PRO A 36 -1.61 4.43 -17.63
N SER A 37 -2.07 5.60 -18.07
CA SER A 37 -2.52 5.77 -19.44
C SER A 37 -1.40 5.44 -20.42
N ILE A 38 -0.20 5.94 -20.14
CA ILE A 38 0.95 5.70 -20.99
C ILE A 38 1.40 4.24 -20.90
N LYS A 39 1.77 3.81 -19.70
CA LYS A 39 2.23 2.44 -19.49
C LYS A 39 1.28 1.43 -20.13
N ASP A 40 0.01 1.81 -20.22
CA ASP A 40 -1.00 0.94 -20.83
C ASP A 40 -1.09 1.17 -22.33
N LYS A 41 -0.71 2.37 -22.76
CA LYS A 41 -0.73 2.71 -24.17
C LYS A 41 0.43 2.03 -24.90
N TYR A 42 1.40 1.56 -24.14
CA TYR A 42 2.56 0.87 -24.71
C TYR A 42 2.98 -0.30 -23.83
N ALA A 1 22.55 -28.53 4.83
CA ALA A 1 21.82 -27.41 5.46
C ALA A 1 22.64 -26.12 5.39
N ILE A 2 22.13 -25.15 4.65
CA ILE A 2 22.81 -23.87 4.51
C ILE A 2 22.37 -22.89 5.59
N GLY A 3 23.33 -22.11 6.09
CA GLY A 3 23.03 -21.14 7.14
C GLY A 3 22.89 -19.73 6.60
N ASN A 4 21.92 -19.54 5.70
CA ASN A 4 21.69 -18.22 5.10
C ASN A 4 20.35 -17.66 5.53
N MET A 5 19.38 -18.55 5.73
CA MET A 5 18.03 -18.17 6.14
C MET A 5 18.07 -17.24 7.35
N GLU A 6 18.12 -15.94 7.11
CA GLU A 6 18.17 -14.95 8.17
C GLU A 6 18.22 -13.54 7.61
N GLN A 7 17.50 -13.31 6.51
CA GLN A 7 17.48 -12.01 5.86
C GLN A 7 16.08 -11.68 5.35
N PRO A 8 15.69 -10.40 5.37
CA PRO A 8 14.36 -9.97 4.91
C PRO A 8 14.15 -10.28 3.44
N HIS A 9 13.70 -11.49 3.15
CA HIS A 9 13.44 -11.92 1.78
C HIS A 9 11.95 -12.05 1.52
N MET A 10 11.32 -13.00 2.19
CA MET A 10 9.89 -13.24 2.04
C MET A 10 9.20 -13.32 3.40
N ASP A 11 9.73 -12.58 4.37
CA ASP A 11 9.16 -12.55 5.70
C ASP A 11 8.52 -11.21 6.00
N SER A 12 7.80 -10.67 5.03
CA SER A 12 7.13 -9.38 5.19
C SER A 12 5.86 -9.53 6.04
N ARG A 13 5.99 -9.27 7.33
CA ARG A 13 4.85 -9.38 8.24
C ARG A 13 3.74 -8.40 7.84
N ILE A 14 3.97 -7.12 8.09
CA ILE A 14 2.99 -6.09 7.74
C ILE A 14 3.30 -5.47 6.39
N GLY A 15 2.29 -4.84 5.79
CA GLY A 15 2.48 -4.21 4.50
C GLY A 15 1.19 -4.04 3.72
N TRP A 16 0.05 -4.33 4.34
CA TRP A 16 -1.24 -4.19 3.65
C TRP A 16 -1.35 -2.82 2.99
N LEU A 17 -1.03 -1.79 3.76
CA LEU A 17 -1.06 -0.42 3.26
C LEU A 17 -0.02 -0.25 2.16
N HIS A 18 0.95 -1.14 2.18
CA HIS A 18 2.04 -1.16 1.22
C HIS A 18 1.71 -2.07 0.04
N ASN A 19 0.41 -2.35 -0.12
CA ASN A 19 -0.06 -3.22 -1.19
C ASN A 19 -1.16 -2.53 -1.99
N LEU A 20 -2.16 -2.04 -1.27
CA LEU A 20 -3.28 -1.34 -1.91
C LEU A 20 -2.81 -0.05 -2.59
N GLY A 21 -1.70 0.50 -2.10
CA GLY A 21 -1.17 1.72 -2.67
C GLY A 21 -0.87 1.58 -4.15
N ASP A 22 -0.23 0.48 -4.53
CA ASP A 22 0.11 0.23 -5.92
C ASP A 22 -1.06 -0.38 -6.67
N GLN A 23 -1.87 -1.15 -5.94
CA GLN A 23 -3.04 -1.80 -6.52
C GLN A 23 -4.03 -0.77 -7.06
N ILE A 24 -4.16 0.35 -6.35
CA ILE A 24 -5.08 1.40 -6.75
C ILE A 24 -4.32 2.68 -7.12
N GLY A 25 -3.31 3.01 -6.32
CA GLY A 25 -2.52 4.21 -6.59
C GLY A 25 -2.64 5.23 -5.48
N LYS A 26 -3.20 4.83 -4.35
CA LYS A 26 -3.36 5.72 -3.21
C LYS A 26 -2.04 5.93 -2.48
N PRO A 27 -1.50 7.17 -2.52
CA PRO A 27 -0.22 7.48 -1.86
C PRO A 27 -0.24 7.14 -0.38
N TYR A 28 -1.11 7.82 0.37
CA TYR A 28 -1.22 7.58 1.80
C TYR A 28 -2.62 7.93 2.30
N ASN A 29 -2.73 8.96 3.14
CA ASN A 29 -4.02 9.38 3.68
C ASN A 29 -4.82 10.15 2.64
N SER A 30 -6.03 9.69 2.37
CA SER A 30 -6.90 10.34 1.39
C SER A 30 -7.95 11.21 2.09
N SER A 31 -7.52 12.39 2.52
CA SER A 31 -8.42 13.32 3.20
C SER A 31 -9.01 12.69 4.45
N GLY A 32 -8.18 11.96 5.20
CA GLY A 32 -8.64 11.31 6.41
C GLY A 32 -7.75 11.61 7.60
N LEU A 33 -7.07 12.76 7.55
CA LEU A 33 -6.18 13.16 8.63
C LEU A 33 -6.94 13.97 9.68
N GLY A 34 -6.30 14.17 10.84
CA GLY A 34 -6.92 14.94 11.90
C GLY A 34 -5.91 15.64 12.78
N GLY A 35 -5.84 15.24 14.05
CA GLY A 35 -4.91 15.85 14.97
C GLY A 35 -5.48 15.97 16.37
N PRO A 36 -4.83 16.76 17.25
CA PRO A 36 -5.29 16.93 18.63
C PRO A 36 -6.58 17.75 18.71
N SER A 37 -6.63 18.86 18.00
CA SER A 37 -7.81 19.72 17.98
C SER A 37 -9.03 18.93 17.53
N ILE A 38 -8.87 18.15 16.48
CA ILE A 38 -9.95 17.35 15.94
C ILE A 38 -10.34 16.24 16.91
N LYS A 39 -9.37 15.39 17.25
CA LYS A 39 -9.60 14.29 18.18
C LYS A 39 -10.33 14.76 19.43
N ASP A 40 -10.12 16.03 19.79
CA ASP A 40 -10.75 16.61 20.96
C ASP A 40 -12.12 17.18 20.60
N LYS A 41 -12.28 17.57 19.33
CA LYS A 41 -13.54 18.10 18.86
C LYS A 41 -14.59 17.00 18.76
N TYR A 42 -14.11 15.75 18.73
CA TYR A 42 -15.01 14.60 18.63
C TYR A 42 -14.49 13.45 19.50
N ALA A 1 13.75 2.16 13.09
CA ALA A 1 12.64 1.91 12.14
C ALA A 1 12.11 0.49 12.26
N ILE A 2 11.17 0.29 13.18
CA ILE A 2 10.59 -1.03 13.40
C ILE A 2 9.11 -1.05 13.00
N GLY A 3 8.60 -2.25 12.72
CA GLY A 3 7.21 -2.39 12.33
C GLY A 3 6.45 -3.36 13.22
N ASN A 4 6.78 -4.64 13.10
CA ASN A 4 6.12 -5.67 13.89
C ASN A 4 7.13 -6.45 14.74
N MET A 5 8.42 -6.28 14.44
CA MET A 5 9.47 -6.96 15.16
C MET A 5 9.40 -6.65 16.66
N GLU A 6 10.50 -6.92 17.36
CA GLU A 6 10.58 -6.67 18.79
C GLU A 6 9.63 -7.59 19.56
N GLN A 7 8.34 -7.31 19.48
CA GLN A 7 7.33 -8.12 20.16
C GLN A 7 7.17 -9.47 19.47
N PRO A 8 7.12 -10.57 20.25
CA PRO A 8 6.97 -11.93 19.71
C PRO A 8 5.54 -12.25 19.31
N HIS A 9 5.34 -12.56 18.04
CA HIS A 9 4.01 -12.90 17.54
C HIS A 9 3.98 -14.33 16.99
N MET A 10 4.54 -14.51 15.80
CA MET A 10 4.58 -15.82 15.16
C MET A 10 4.99 -15.70 13.70
N ASP A 11 6.00 -14.86 13.43
CA ASP A 11 6.48 -14.64 12.08
C ASP A 11 5.38 -14.07 11.19
N SER A 12 5.33 -12.75 11.09
CA SER A 12 4.33 -12.08 10.28
C SER A 12 4.97 -11.25 9.17
N ARG A 13 4.15 -10.68 8.30
CA ARG A 13 4.64 -9.85 7.20
C ARG A 13 3.67 -8.72 6.90
N ILE A 14 3.68 -7.70 7.76
CA ILE A 14 2.81 -6.55 7.59
C ILE A 14 3.16 -5.75 6.33
N GLY A 15 2.22 -4.97 5.85
CA GLY A 15 2.46 -4.16 4.66
C GLY A 15 1.22 -3.96 3.82
N TRP A 16 0.05 -4.27 4.36
CA TRP A 16 -1.21 -4.12 3.63
C TRP A 16 -1.30 -2.73 3.02
N LEU A 17 -0.95 -1.73 3.81
CA LEU A 17 -0.96 -0.34 3.36
C LEU A 17 0.07 -0.14 2.26
N HIS A 18 1.04 -1.04 2.24
CA HIS A 18 2.11 -1.02 1.28
C HIS A 18 1.77 -1.90 0.08
N ASN A 19 0.48 -2.15 -0.12
CA ASN A 19 0.00 -2.97 -1.22
C ASN A 19 -1.12 -2.25 -1.95
N LEU A 20 -2.08 -1.72 -1.19
CA LEU A 20 -3.20 -1.00 -1.77
C LEU A 20 -2.74 0.24 -2.52
N GLY A 21 -1.62 0.80 -2.07
CA GLY A 21 -1.09 1.99 -2.71
C GLY A 21 -0.73 1.77 -4.16
N ASP A 22 -0.32 0.55 -4.49
CA ASP A 22 0.06 0.22 -5.86
C ASP A 22 -1.13 -0.31 -6.66
N GLN A 23 -1.75 -1.38 -6.16
CA GLN A 23 -2.90 -1.98 -6.83
C GLN A 23 -4.00 -0.95 -7.09
N ILE A 24 -4.10 0.04 -6.21
CA ILE A 24 -5.11 1.08 -6.34
C ILE A 24 -5.04 1.75 -7.72
N GLY A 25 -3.83 2.13 -8.13
CA GLY A 25 -3.65 2.77 -9.41
C GLY A 25 -4.43 4.07 -9.52
N LYS A 26 -3.71 5.18 -9.65
CA LYS A 26 -4.33 6.49 -9.77
C LYS A 26 -5.34 6.52 -10.92
N PRO A 27 -6.64 6.55 -10.60
CA PRO A 27 -7.71 6.58 -11.61
C PRO A 27 -7.62 7.82 -12.50
N TYR A 28 -7.57 8.99 -11.87
CA TYR A 28 -7.48 10.25 -12.60
C TYR A 28 -6.68 11.27 -11.82
N ASN A 29 -5.74 10.78 -11.01
CA ASN A 29 -4.89 11.65 -10.19
C ASN A 29 -5.71 12.74 -9.50
N SER A 30 -6.78 12.34 -8.85
CA SER A 30 -7.65 13.28 -8.14
C SER A 30 -8.17 14.35 -9.08
N SER A 31 -9.43 14.22 -9.49
CA SER A 31 -10.04 15.19 -10.39
C SER A 31 -11.48 15.46 -9.99
N GLY A 32 -12.30 14.40 -9.96
CA GLY A 32 -13.69 14.55 -9.60
C GLY A 32 -13.98 14.05 -8.19
N LEU A 33 -13.07 14.32 -7.27
CA LEU A 33 -13.23 13.89 -5.89
C LEU A 33 -14.41 14.61 -5.23
N GLY A 34 -14.83 14.11 -4.07
CA GLY A 34 -15.94 14.71 -3.36
C GLY A 34 -17.21 13.88 -3.46
N GLY A 35 -18.35 14.55 -3.55
CA GLY A 35 -19.62 13.85 -3.66
C GLY A 35 -20.80 14.81 -3.81
N PRO A 36 -20.76 15.70 -4.81
CA PRO A 36 -21.84 16.67 -5.04
C PRO A 36 -23.12 15.99 -5.52
N SER A 37 -22.98 15.02 -6.41
CA SER A 37 -24.12 14.29 -6.95
C SER A 37 -24.94 13.67 -5.82
N ILE A 38 -24.26 13.09 -4.84
CA ILE A 38 -24.92 12.47 -3.70
C ILE A 38 -25.60 13.52 -2.83
N LYS A 39 -24.81 14.45 -2.31
CA LYS A 39 -25.34 15.52 -1.46
C LYS A 39 -26.60 16.13 -2.06
N ASP A 40 -26.70 16.12 -3.38
CA ASP A 40 -27.86 16.69 -4.06
C ASP A 40 -28.94 15.63 -4.27
N LYS A 41 -28.53 14.36 -4.30
CA LYS A 41 -29.47 13.26 -4.48
C LYS A 41 -30.26 13.04 -3.19
N TYR A 42 -29.76 13.58 -2.09
CA TYR A 42 -30.42 13.44 -0.80
C TYR A 42 -30.31 14.74 0.00
N ALA A 1 17.54 -17.95 25.15
CA ALA A 1 17.82 -16.58 24.65
C ALA A 1 18.34 -16.61 23.21
N ILE A 2 17.64 -15.92 22.32
CA ILE A 2 18.03 -15.87 20.92
C ILE A 2 18.05 -14.44 20.40
N GLY A 3 18.98 -14.15 19.49
CA GLY A 3 19.08 -12.82 18.93
C GLY A 3 18.92 -12.80 17.43
N ASN A 4 19.48 -13.82 16.76
CA ASN A 4 19.39 -13.92 15.31
C ASN A 4 20.24 -12.85 14.64
N MET A 5 21.45 -12.67 15.16
CA MET A 5 22.37 -11.67 14.64
C MET A 5 22.57 -11.84 13.13
N GLU A 6 21.94 -10.96 12.36
CA GLU A 6 22.05 -11.01 10.91
C GLU A 6 21.63 -12.38 10.37
N GLN A 7 20.47 -12.84 10.79
CA GLN A 7 19.95 -14.13 10.37
C GLN A 7 19.01 -13.97 9.17
N PRO A 8 18.59 -15.08 8.54
CA PRO A 8 17.69 -15.05 7.39
C PRO A 8 16.24 -14.81 7.80
N HIS A 9 15.76 -13.59 7.61
CA HIS A 9 14.40 -13.24 7.96
C HIS A 9 13.57 -12.96 6.71
N MET A 10 13.06 -14.02 6.09
CA MET A 10 12.25 -13.89 4.89
C MET A 10 10.79 -14.25 5.17
N ASP A 11 10.19 -13.53 6.12
CA ASP A 11 8.80 -13.77 6.49
C ASP A 11 8.12 -12.48 6.89
N SER A 12 7.77 -11.66 5.91
CA SER A 12 7.12 -10.38 6.17
C SER A 12 5.61 -10.49 5.94
N ARG A 13 4.84 -10.09 6.96
CA ARG A 13 3.39 -10.14 6.87
C ARG A 13 2.79 -8.74 6.81
N ILE A 14 3.44 -7.79 7.49
CA ILE A 14 2.98 -6.41 7.52
C ILE A 14 3.26 -5.71 6.19
N GLY A 15 2.48 -4.68 5.90
CA GLY A 15 2.66 -3.93 4.67
C GLY A 15 1.38 -3.84 3.85
N TRP A 16 0.26 -4.22 4.44
CA TRP A 16 -1.02 -4.17 3.75
C TRP A 16 -1.23 -2.80 3.11
N LEU A 17 -0.90 -1.76 3.87
CA LEU A 17 -1.02 -0.39 3.38
C LEU A 17 -0.03 -0.15 2.25
N HIS A 18 1.00 -0.99 2.24
CA HIS A 18 2.04 -0.93 1.24
C HIS A 18 1.74 -1.86 0.07
N ASN A 19 0.47 -2.22 -0.06
CA ASN A 19 0.01 -3.10 -1.13
C ASN A 19 -1.15 -2.45 -1.88
N LEU A 20 -2.13 -1.97 -1.13
CA LEU A 20 -3.28 -1.32 -1.72
C LEU A 20 -2.87 -0.05 -2.47
N GLY A 21 -1.87 0.63 -1.94
CA GLY A 21 -1.39 1.84 -2.58
C GLY A 21 -0.86 1.59 -3.98
N ASP A 22 -0.54 0.33 -4.26
CA ASP A 22 -0.03 -0.06 -5.57
C ASP A 22 -1.14 -0.55 -6.48
N GLN A 23 -2.07 -1.32 -5.92
CA GLN A 23 -3.19 -1.84 -6.68
C GLN A 23 -4.02 -0.71 -7.29
N ILE A 24 -4.11 0.41 -6.57
CA ILE A 24 -4.87 1.56 -7.03
C ILE A 24 -4.20 2.18 -8.26
N GLY A 25 -3.00 2.73 -8.06
CA GLY A 25 -2.29 3.36 -9.15
C GLY A 25 -1.18 4.28 -8.68
N LYS A 26 -1.40 5.58 -8.80
CA LYS A 26 -0.42 6.57 -8.38
C LYS A 26 -0.83 7.22 -7.06
N PRO A 27 -0.33 6.70 -5.92
CA PRO A 27 -0.66 7.23 -4.60
C PRO A 27 -0.22 8.69 -4.44
N TYR A 28 1.09 8.91 -4.52
CA TYR A 28 1.63 10.27 -4.38
C TYR A 28 3.09 10.33 -4.85
N ASN A 29 3.45 9.44 -5.78
CA ASN A 29 4.81 9.37 -6.35
C ASN A 29 5.85 10.03 -5.46
N SER A 30 6.14 9.40 -4.32
CA SER A 30 7.13 9.93 -3.38
C SER A 30 6.91 11.42 -3.11
N SER A 31 6.04 11.72 -2.15
CA SER A 31 5.73 13.09 -1.80
C SER A 31 4.98 13.80 -2.93
N GLY A 32 5.70 14.09 -4.02
CA GLY A 32 5.08 14.76 -5.15
C GLY A 32 6.09 15.10 -6.23
N LEU A 33 7.31 15.42 -5.82
CA LEU A 33 8.37 15.77 -6.76
C LEU A 33 8.56 14.67 -7.80
N GLY A 34 9.28 14.99 -8.88
CA GLY A 34 9.53 14.02 -9.92
C GLY A 34 10.76 14.36 -10.73
N GLY A 35 11.65 13.38 -10.88
CA GLY A 35 12.86 13.60 -11.65
C GLY A 35 13.31 12.36 -12.39
N PRO A 36 12.59 11.98 -13.47
CA PRO A 36 12.93 10.80 -14.27
C PRO A 36 14.38 10.81 -14.74
N SER A 37 14.85 11.98 -15.17
CA SER A 37 16.21 12.14 -15.65
C SER A 37 17.21 11.64 -14.63
N ILE A 38 17.02 12.06 -13.37
CA ILE A 38 17.91 11.66 -12.29
C ILE A 38 17.81 10.16 -12.04
N LYS A 39 16.61 9.68 -11.78
CA LYS A 39 16.40 8.26 -11.52
C LYS A 39 17.11 7.39 -12.56
N ASP A 40 17.25 7.93 -13.77
CA ASP A 40 17.92 7.21 -14.85
C ASP A 40 19.43 7.49 -14.83
N LYS A 41 19.81 8.63 -14.26
CA LYS A 41 21.20 9.00 -14.16
C LYS A 41 21.91 8.11 -13.15
N TYR A 42 21.13 7.49 -12.28
CA TYR A 42 21.68 6.60 -11.26
C TYR A 42 21.33 5.15 -11.56
N ALA A 1 16.11 -17.13 25.76
CA ALA A 1 16.57 -15.74 25.51
C ALA A 1 17.63 -15.71 24.42
N ILE A 2 17.17 -15.65 23.16
CA ILE A 2 18.08 -15.60 22.02
C ILE A 2 18.05 -14.24 21.35
N GLY A 3 19.15 -13.89 20.67
CA GLY A 3 19.23 -12.61 20.00
C GLY A 3 18.75 -12.69 18.56
N ASN A 4 19.21 -13.71 17.84
CA ASN A 4 18.83 -13.89 16.44
C ASN A 4 19.45 -12.81 15.57
N MET A 5 20.66 -12.38 15.95
CA MET A 5 21.37 -11.35 15.23
C MET A 5 21.54 -11.72 13.76
N GLU A 6 21.05 -10.86 12.87
CA GLU A 6 21.16 -11.10 11.43
C GLU A 6 20.50 -12.43 11.05
N GLN A 7 19.24 -12.59 11.41
CA GLN A 7 18.50 -13.81 11.11
C GLN A 7 17.69 -13.64 9.82
N PRO A 8 17.15 -14.75 9.29
CA PRO A 8 16.36 -14.71 8.05
C PRO A 8 14.96 -14.15 8.28
N HIS A 9 14.83 -12.83 8.13
CA HIS A 9 13.55 -12.16 8.31
C HIS A 9 12.95 -11.75 6.98
N MET A 10 12.42 -12.71 6.24
CA MET A 10 11.82 -12.44 4.94
C MET A 10 10.32 -12.71 4.97
N ASP A 11 9.72 -12.53 6.15
CA ASP A 11 8.28 -12.73 6.31
C ASP A 11 7.56 -11.41 6.54
N SER A 12 7.79 -10.80 7.70
CA SER A 12 7.17 -9.53 8.05
C SER A 12 5.67 -9.70 8.31
N ARG A 13 4.94 -10.17 7.30
CA ARG A 13 3.50 -10.37 7.42
C ARG A 13 2.75 -9.04 7.50
N ILE A 14 3.46 -7.93 7.28
CA ILE A 14 2.85 -6.61 7.33
C ILE A 14 3.11 -5.84 6.04
N GLY A 15 2.43 -4.72 5.88
CA GLY A 15 2.60 -3.90 4.70
C GLY A 15 1.34 -3.80 3.87
N TRP A 16 0.22 -4.18 4.44
CA TRP A 16 -1.05 -4.13 3.73
C TRP A 16 -1.27 -2.73 3.14
N LEU A 17 -0.91 -1.72 3.92
CA LEU A 17 -1.03 -0.34 3.47
C LEU A 17 -0.03 -0.08 2.35
N HIS A 18 1.01 -0.90 2.32
CA HIS A 18 2.06 -0.81 1.34
C HIS A 18 1.77 -1.72 0.15
N ASN A 19 0.50 -2.09 0.00
CA ASN A 19 0.08 -2.96 -1.08
C ASN A 19 -1.08 -2.33 -1.85
N LEU A 20 -2.09 -1.89 -1.10
CA LEU A 20 -3.25 -1.25 -1.70
C LEU A 20 -2.85 0.01 -2.46
N GLY A 21 -1.76 0.63 -2.02
CA GLY A 21 -1.29 1.84 -2.68
C GLY A 21 -0.83 1.57 -4.11
N ASP A 22 -0.45 0.32 -4.39
CA ASP A 22 0.02 -0.05 -5.71
C ASP A 22 -1.13 -0.58 -6.56
N GLN A 23 -2.00 -1.39 -5.96
CA GLN A 23 -3.14 -1.96 -6.68
C GLN A 23 -4.03 -0.86 -7.23
N ILE A 24 -4.15 0.24 -6.48
CA ILE A 24 -4.98 1.36 -6.90
C ILE A 24 -4.33 2.13 -8.05
N GLY A 25 -3.19 2.75 -7.77
CA GLY A 25 -2.49 3.50 -8.79
C GLY A 25 -1.31 4.27 -8.24
N LYS A 26 -1.47 5.58 -8.10
CA LYS A 26 -0.42 6.44 -7.58
C LYS A 26 -0.87 7.16 -6.31
N PRO A 27 -0.13 6.99 -5.20
CA PRO A 27 -0.48 7.63 -3.92
C PRO A 27 -0.27 9.14 -3.96
N TYR A 28 0.90 9.56 -4.41
CA TYR A 28 1.23 10.98 -4.51
C TYR A 28 2.57 11.20 -5.19
N ASN A 29 2.89 10.33 -6.17
CA ASN A 29 4.14 10.43 -6.92
C ASN A 29 5.31 10.73 -6.00
N SER A 30 5.45 9.95 -4.93
CA SER A 30 6.54 10.13 -3.98
C SER A 30 6.55 11.55 -3.42
N SER A 31 5.48 11.92 -2.73
CA SER A 31 5.36 13.25 -2.15
C SER A 31 5.36 14.33 -3.23
N GLY A 32 5.12 13.93 -4.48
CA GLY A 32 5.09 14.88 -5.57
C GLY A 32 6.43 14.97 -6.28
N LEU A 33 7.52 14.82 -5.53
CA LEU A 33 8.86 14.89 -6.09
C LEU A 33 9.24 13.57 -6.75
N GLY A 34 10.32 13.60 -7.55
CA GLY A 34 10.77 12.40 -8.23
C GLY A 34 10.60 12.49 -9.73
N GLY A 35 11.59 13.02 -10.42
CA GLY A 35 11.52 13.16 -11.86
C GLY A 35 12.32 12.08 -12.58
N PRO A 36 11.85 11.65 -13.76
CA PRO A 36 12.54 10.61 -14.55
C PRO A 36 14.00 10.96 -14.82
N SER A 37 14.25 12.24 -15.05
CA SER A 37 15.61 12.72 -15.34
C SER A 37 16.57 12.31 -14.22
N ILE A 38 16.18 12.62 -12.98
CA ILE A 38 17.00 12.29 -11.83
C ILE A 38 17.12 10.78 -11.66
N LYS A 39 15.98 10.11 -11.50
CA LYS A 39 15.96 8.66 -11.33
C LYS A 39 16.88 7.97 -12.33
N ASP A 40 17.07 8.59 -13.49
CA ASP A 40 17.92 8.03 -14.53
C ASP A 40 19.35 8.54 -14.40
N LYS A 41 19.52 9.69 -13.75
CA LYS A 41 20.84 10.26 -13.54
C LYS A 41 21.60 9.45 -12.50
N TYR A 42 20.86 8.70 -11.69
CA TYR A 42 21.47 7.88 -10.65
C TYR A 42 21.19 6.39 -10.90
N ALA A 1 20.46 -28.71 8.00
CA ALA A 1 20.06 -27.29 8.15
C ALA A 1 21.24 -26.35 7.87
N ILE A 2 20.95 -25.19 7.30
CA ILE A 2 21.97 -24.21 6.99
C ILE A 2 21.98 -23.09 8.02
N GLY A 3 23.12 -22.39 8.12
CA GLY A 3 23.23 -21.29 9.07
C GLY A 3 22.98 -19.94 8.42
N ASN A 4 21.83 -19.80 7.78
CA ASN A 4 21.47 -18.55 7.13
C ASN A 4 20.13 -18.04 7.63
N MET A 5 19.18 -18.96 7.83
CA MET A 5 17.86 -18.62 8.31
C MET A 5 17.92 -17.66 9.49
N GLU A 6 17.66 -16.38 9.23
CA GLU A 6 17.69 -15.36 10.26
C GLU A 6 17.29 -13.99 9.70
N GLN A 7 17.76 -13.71 8.49
CA GLN A 7 17.46 -12.44 7.83
C GLN A 7 16.14 -12.53 7.06
N PRO A 8 15.33 -11.45 7.08
CA PRO A 8 14.04 -11.42 6.38
C PRO A 8 14.21 -11.40 4.86
N HIS A 9 13.81 -12.49 4.21
CA HIS A 9 13.93 -12.60 2.77
C HIS A 9 12.56 -12.69 2.12
N MET A 10 11.72 -13.60 2.63
CA MET A 10 10.38 -13.79 2.10
C MET A 10 9.35 -13.91 3.21
N ASP A 11 9.12 -12.80 3.92
CA ASP A 11 8.16 -12.79 5.01
C ASP A 11 7.31 -11.52 4.96
N SER A 12 7.87 -10.43 5.47
CA SER A 12 7.16 -9.15 5.48
C SER A 12 5.79 -9.29 6.14
N ARG A 13 5.77 -9.22 7.47
CA ARG A 13 4.52 -9.34 8.22
C ARG A 13 3.53 -8.25 7.80
N ILE A 14 3.78 -7.04 8.27
CA ILE A 14 2.91 -5.91 7.95
C ILE A 14 3.27 -5.30 6.60
N GLY A 15 2.25 -4.89 5.84
CA GLY A 15 2.47 -4.28 4.55
C GLY A 15 1.21 -4.13 3.72
N TRP A 16 0.05 -4.43 4.30
CA TRP A 16 -1.21 -4.30 3.58
C TRP A 16 -1.32 -2.92 2.94
N LEU A 17 -1.02 -1.90 3.72
CA LEU A 17 -1.06 -0.53 3.23
C LEU A 17 0.01 -0.33 2.17
N HIS A 18 0.99 -1.22 2.19
CA HIS A 18 2.09 -1.21 1.25
C HIS A 18 1.79 -2.09 0.05
N ASN A 19 0.51 -2.38 -0.16
CA ASN A 19 0.05 -3.21 -1.26
C ASN A 19 -1.04 -2.50 -2.04
N LEU A 20 -2.07 -2.06 -1.32
CA LEU A 20 -3.18 -1.36 -1.93
C LEU A 20 -2.71 -0.06 -2.60
N GLY A 21 -1.59 0.47 -2.13
CA GLY A 21 -1.05 1.69 -2.70
C GLY A 21 -0.91 1.62 -4.21
N ASP A 22 -0.18 0.61 -4.67
CA ASP A 22 0.02 0.42 -6.11
C ASP A 22 -1.20 -0.26 -6.73
N GLN A 23 -1.90 -1.05 -5.93
CA GLN A 23 -3.10 -1.75 -6.39
C GLN A 23 -4.12 -0.77 -6.94
N ILE A 24 -4.25 0.38 -6.29
CA ILE A 24 -5.20 1.40 -6.71
C ILE A 24 -4.48 2.65 -7.21
N GLY A 25 -3.41 3.03 -6.52
CA GLY A 25 -2.65 4.21 -6.91
C GLY A 25 -2.63 5.28 -5.84
N LYS A 26 -3.07 4.94 -4.64
CA LYS A 26 -3.10 5.90 -3.54
C LYS A 26 -1.80 5.83 -2.73
N PRO A 27 -1.20 6.99 -2.41
CA PRO A 27 0.04 7.05 -1.64
C PRO A 27 -0.17 6.73 -0.16
N TYR A 28 -1.15 7.39 0.44
CA TYR A 28 -1.45 7.19 1.85
C TYR A 28 -2.77 7.87 2.24
N ASN A 29 -2.69 8.93 3.02
CA ASN A 29 -3.88 9.66 3.45
C ASN A 29 -3.98 11.01 2.74
N SER A 30 -4.28 10.97 1.44
CA SER A 30 -4.40 12.17 0.65
C SER A 30 -5.87 12.47 0.32
N SER A 31 -6.70 12.49 1.35
CA SER A 31 -8.12 12.75 1.17
C SER A 31 -8.85 12.73 2.51
N GLY A 32 -8.44 11.82 3.39
CA GLY A 32 -9.06 11.71 4.69
C GLY A 32 -8.10 11.98 5.82
N LEU A 33 -7.33 13.06 5.70
CA LEU A 33 -6.36 13.43 6.71
C LEU A 33 -7.05 14.12 7.89
N GLY A 34 -6.44 14.05 9.06
CA GLY A 34 -7.01 14.68 10.24
C GLY A 34 -5.96 15.09 11.25
N GLY A 35 -6.39 15.30 12.48
CA GLY A 35 -5.47 15.70 13.53
C GLY A 35 -6.15 15.92 14.86
N PRO A 36 -5.46 16.49 15.86
CA PRO A 36 -6.03 16.75 17.18
C PRO A 36 -7.25 17.66 17.12
N SER A 37 -7.15 18.74 16.36
CA SER A 37 -8.25 19.69 16.23
C SER A 37 -9.52 18.98 15.77
N ILE A 38 -9.41 18.19 14.70
CA ILE A 38 -10.55 17.45 14.17
C ILE A 38 -11.09 16.47 15.19
N LYS A 39 -10.22 15.59 15.69
CA LYS A 39 -10.61 14.59 16.67
C LYS A 39 -11.40 15.23 17.81
N ASP A 40 -11.10 16.50 18.09
CA ASP A 40 -11.80 17.23 19.15
C ASP A 40 -13.09 17.85 18.61
N LYS A 41 -13.12 18.11 17.31
CA LYS A 41 -14.31 18.67 16.68
C LYS A 41 -15.42 17.62 16.62
N TYR A 42 -15.03 16.36 16.74
CA TYR A 42 -15.99 15.26 16.72
C TYR A 42 -15.69 14.24 17.81
N ALA A 1 -6.60 -22.77 14.64
CA ALA A 1 -7.65 -21.86 14.13
C ALA A 1 -7.03 -20.62 13.50
N ILE A 2 -7.55 -20.23 12.33
CA ILE A 2 -7.06 -19.06 11.62
C ILE A 2 -8.18 -18.06 11.36
N GLY A 3 -7.86 -16.78 11.48
CA GLY A 3 -8.84 -15.74 11.25
C GLY A 3 -9.39 -15.75 9.83
N ASN A 4 -8.82 -14.92 8.98
CA ASN A 4 -9.25 -14.85 7.58
C ASN A 4 -8.10 -15.19 6.63
N MET A 5 -6.90 -14.75 6.98
CA MET A 5 -5.72 -14.99 6.17
C MET A 5 -5.65 -16.45 5.73
N GLU A 6 -5.39 -16.67 4.45
CA GLU A 6 -5.29 -18.02 3.91
C GLU A 6 -3.84 -18.47 3.80
N GLN A 7 -2.98 -17.57 3.33
CA GLN A 7 -1.56 -17.87 3.18
C GLN A 7 -0.89 -18.04 4.55
N PRO A 8 -0.07 -19.09 4.71
CA PRO A 8 0.63 -19.36 5.97
C PRO A 8 1.95 -18.60 6.09
N HIS A 9 2.13 -17.91 7.22
CA HIS A 9 3.36 -17.16 7.46
C HIS A 9 3.47 -16.77 8.93
N MET A 10 2.72 -15.74 9.34
CA MET A 10 2.74 -15.28 10.71
C MET A 10 4.16 -14.95 11.17
N ASP A 11 5.00 -14.54 10.22
CA ASP A 11 6.38 -14.18 10.52
C ASP A 11 6.59 -12.68 10.51
N SER A 12 5.53 -11.94 10.86
CA SER A 12 5.59 -10.48 10.89
C SER A 12 5.98 -9.92 9.52
N ARG A 13 5.01 -9.88 8.61
CA ARG A 13 5.25 -9.36 7.27
C ARG A 13 4.61 -7.99 7.09
N ILE A 14 3.33 -7.89 7.43
CA ILE A 14 2.58 -6.65 7.32
C ILE A 14 2.86 -5.93 5.99
N GLY A 15 2.40 -4.69 5.88
CA GLY A 15 2.60 -3.93 4.66
C GLY A 15 1.33 -3.79 3.84
N TRP A 16 0.19 -4.09 4.45
CA TRP A 16 -1.09 -3.98 3.75
C TRP A 16 -1.22 -2.62 3.09
N LEU A 17 -0.86 -1.58 3.83
CA LEU A 17 -0.90 -0.21 3.32
C LEU A 17 0.09 -0.05 2.17
N HIS A 18 1.08 -0.94 2.17
CA HIS A 18 2.12 -0.95 1.16
C HIS A 18 1.76 -1.91 0.03
N ASN A 19 0.47 -2.20 -0.10
CA ASN A 19 -0.03 -3.10 -1.14
C ASN A 19 -1.17 -2.44 -1.90
N LEU A 20 -2.13 -1.91 -1.15
CA LEU A 20 -3.28 -1.25 -1.76
C LEU A 20 -2.86 0.02 -2.50
N GLY A 21 -1.78 0.64 -2.04
CA GLY A 21 -1.29 1.85 -2.66
C GLY A 21 -0.82 1.62 -4.08
N ASP A 22 -0.21 0.46 -4.32
CA ASP A 22 0.29 0.12 -5.65
C ASP A 22 -0.83 -0.42 -6.53
N GLN A 23 -1.71 -1.23 -5.94
CA GLN A 23 -2.83 -1.82 -6.67
C GLN A 23 -3.77 -0.73 -7.17
N ILE A 24 -3.82 0.39 -6.44
CA ILE A 24 -4.68 1.51 -6.79
C ILE A 24 -6.05 1.04 -7.26
N GLY A 25 -6.84 0.53 -6.31
CA GLY A 25 -8.17 0.04 -6.63
C GLY A 25 -9.18 1.15 -6.76
N LYS A 26 -8.79 2.36 -6.38
CA LYS A 26 -9.69 3.52 -6.46
C LYS A 26 -9.69 4.10 -7.88
N PRO A 27 -10.86 4.15 -8.53
CA PRO A 27 -10.99 4.68 -9.89
C PRO A 27 -10.39 6.08 -10.03
N TYR A 28 -10.65 6.91 -9.03
CA TYR A 28 -10.14 8.29 -9.03
C TYR A 28 -10.27 8.92 -7.65
N ASN A 29 -9.92 8.16 -6.62
CA ASN A 29 -9.99 8.64 -5.25
C ASN A 29 -11.35 9.26 -4.95
N SER A 30 -12.28 8.44 -4.48
CA SER A 30 -13.63 8.90 -4.17
C SER A 30 -13.92 8.72 -2.68
N SER A 31 -15.10 8.20 -2.36
CA SER A 31 -15.49 7.98 -0.96
C SER A 31 -15.72 9.32 -0.26
N GLY A 32 -16.97 9.56 0.13
CA GLY A 32 -17.30 10.80 0.82
C GLY A 32 -18.79 10.90 1.13
N LEU A 33 -19.34 9.84 1.69
CA LEU A 33 -20.76 9.81 2.03
C LEU A 33 -21.09 10.87 3.08
N GLY A 34 -22.38 11.12 3.27
CA GLY A 34 -22.79 12.11 4.25
C GLY A 34 -24.17 12.68 3.94
N GLY A 35 -24.44 12.95 2.67
CA GLY A 35 -25.72 13.49 2.28
C GLY A 35 -26.32 12.74 1.10
N PRO A 36 -27.65 12.49 1.12
CA PRO A 36 -28.34 11.78 0.03
C PRO A 36 -28.45 12.62 -1.22
N SER A 37 -28.78 13.91 -1.06
CA SER A 37 -28.92 14.81 -2.19
C SER A 37 -27.63 14.87 -3.01
N ILE A 38 -26.50 14.97 -2.32
CA ILE A 38 -25.20 15.04 -2.97
C ILE A 38 -24.88 13.71 -3.67
N LYS A 39 -24.86 12.63 -2.89
CA LYS A 39 -24.57 11.31 -3.44
C LYS A 39 -25.40 11.04 -4.70
N ASP A 40 -26.57 11.65 -4.76
CA ASP A 40 -27.46 11.49 -5.90
C ASP A 40 -27.09 12.47 -7.01
N LYS A 41 -26.51 13.60 -6.62
CA LYS A 41 -26.11 14.61 -7.58
C LYS A 41 -24.87 14.14 -8.34
N TYR A 42 -24.18 13.15 -7.78
CA TYR A 42 -22.99 12.60 -8.42
C TYR A 42 -22.97 11.08 -8.29
N ALA A 1 4.27 -2.35 12.77
CA ALA A 1 3.56 -1.77 13.95
C ALA A 1 2.13 -2.27 14.01
N ILE A 2 1.65 -2.51 15.23
CA ILE A 2 0.28 -2.99 15.43
C ILE A 2 -0.55 -1.99 16.21
N GLY A 3 -0.10 -0.73 16.20
CA GLY A 3 -0.82 0.32 16.91
C GLY A 3 0.10 1.15 17.79
N ASN A 4 1.11 0.50 18.36
CA ASN A 4 2.07 1.19 19.22
C ASN A 4 3.39 0.43 19.28
N MET A 5 3.30 -0.89 19.37
CA MET A 5 4.48 -1.75 19.44
C MET A 5 5.52 -1.34 18.41
N GLU A 6 6.48 -0.53 18.82
CA GLU A 6 7.55 -0.06 17.94
C GLU A 6 8.63 -1.12 17.80
N GLN A 7 8.74 -2.00 18.80
CA GLN A 7 9.73 -3.06 18.80
C GLN A 7 9.39 -4.13 17.77
N PRO A 8 10.38 -4.93 17.35
CA PRO A 8 10.18 -6.01 16.36
C PRO A 8 9.13 -7.02 16.82
N HIS A 9 9.21 -8.24 16.28
CA HIS A 9 8.27 -9.30 16.63
C HIS A 9 6.83 -8.82 16.52
N MET A 10 6.58 -7.92 15.58
CA MET A 10 5.24 -7.39 15.37
C MET A 10 4.96 -7.19 13.88
N ASP A 11 5.43 -8.13 13.07
CA ASP A 11 5.23 -8.07 11.62
C ASP A 11 3.97 -8.81 11.21
N SER A 12 4.04 -10.14 11.17
CA SER A 12 2.90 -10.96 10.79
C SER A 12 2.46 -10.65 9.37
N ARG A 13 3.41 -10.59 8.45
CA ARG A 13 3.11 -10.30 7.06
C ARG A 13 2.45 -8.92 6.92
N ILE A 14 3.00 -7.93 7.61
CA ILE A 14 2.46 -6.58 7.57
C ILE A 14 2.85 -5.87 6.28
N GLY A 15 2.10 -4.83 5.95
CA GLY A 15 2.39 -4.06 4.75
C GLY A 15 1.17 -3.89 3.85
N TRP A 16 -0.01 -4.19 4.38
CA TRP A 16 -1.25 -4.04 3.61
C TRP A 16 -1.32 -2.66 2.98
N LEU A 17 -0.89 -1.66 3.73
CA LEU A 17 -0.88 -0.28 3.26
C LEU A 17 0.19 -0.10 2.18
N HIS A 18 1.16 -1.01 2.22
CA HIS A 18 2.27 -1.01 1.29
C HIS A 18 1.98 -1.91 0.10
N ASN A 19 0.69 -2.16 -0.14
CA ASN A 19 0.27 -3.01 -1.24
C ASN A 19 -0.86 -2.33 -2.03
N LEU A 20 -1.85 -1.84 -1.29
CA LEU A 20 -2.99 -1.15 -1.90
C LEU A 20 -2.55 0.16 -2.57
N GLY A 21 -1.37 0.65 -2.18
CA GLY A 21 -0.86 1.89 -2.75
C GLY A 21 -0.75 1.83 -4.25
N ASP A 22 -0.06 0.81 -4.76
CA ASP A 22 0.11 0.64 -6.19
C ASP A 22 -1.06 -0.11 -6.80
N GLN A 23 -1.64 -1.03 -6.02
CA GLN A 23 -2.78 -1.82 -6.47
C GLN A 23 -3.94 -0.92 -6.88
N ILE A 24 -4.13 0.17 -6.12
CA ILE A 24 -5.19 1.13 -6.39
C ILE A 24 -6.49 0.42 -6.78
N GLY A 25 -7.08 -0.27 -5.83
CA GLY A 25 -8.32 -0.99 -6.08
C GLY A 25 -9.55 -0.14 -5.86
N LYS A 26 -9.36 1.06 -5.30
CA LYS A 26 -10.47 1.97 -5.04
C LYS A 26 -10.78 2.83 -6.27
N PRO A 27 -12.05 3.21 -6.46
CA PRO A 27 -12.48 4.03 -7.60
C PRO A 27 -11.79 5.39 -7.62
N TYR A 28 -11.18 5.77 -6.50
CA TYR A 28 -10.50 7.05 -6.39
C TYR A 28 -9.44 7.00 -5.28
N ASN A 29 -8.19 6.78 -5.68
CA ASN A 29 -7.08 6.70 -4.75
C ASN A 29 -6.96 7.96 -3.91
N SER A 30 -7.80 8.06 -2.88
CA SER A 30 -7.79 9.22 -1.98
C SER A 30 -7.92 10.52 -2.76
N SER A 31 -9.10 11.12 -2.71
CA SER A 31 -9.35 12.39 -3.42
C SER A 31 -8.33 13.45 -3.00
N GLY A 32 -7.75 14.12 -3.99
CA GLY A 32 -6.76 15.15 -3.69
C GLY A 32 -6.68 16.20 -4.79
N LEU A 33 -7.75 16.96 -4.96
CA LEU A 33 -7.79 17.99 -5.98
C LEU A 33 -6.92 19.18 -5.56
N GLY A 34 -6.48 19.97 -6.55
CA GLY A 34 -5.64 21.11 -6.27
C GLY A 34 -6.17 21.97 -5.13
N GLY A 35 -5.39 22.05 -4.05
CA GLY A 35 -5.81 22.83 -2.90
C GLY A 35 -4.69 23.00 -1.88
N PRO A 36 -4.07 24.18 -1.78
CA PRO A 36 -2.99 24.43 -0.82
C PRO A 36 -3.34 23.97 0.59
N SER A 37 -4.59 24.15 0.97
CA SER A 37 -5.05 23.75 2.30
C SER A 37 -4.84 22.26 2.51
N ILE A 38 -5.16 21.47 1.49
CA ILE A 38 -5.01 20.03 1.56
C ILE A 38 -3.54 19.63 1.58
N LYS A 39 -2.82 19.98 0.53
CA LYS A 39 -1.41 19.64 0.42
C LYS A 39 -0.66 19.99 1.70
N ASP A 40 -1.15 21.00 2.42
CA ASP A 40 -0.54 21.42 3.67
C ASP A 40 -1.11 20.64 4.85
N LYS A 41 -2.34 20.16 4.69
CA LYS A 41 -2.99 19.39 5.73
C LYS A 41 -2.39 17.98 5.81
N TYR A 42 -1.68 17.60 4.76
CA TYR A 42 -1.05 16.29 4.70
C TYR A 42 0.30 16.36 4.01
N ALA A 1 19.72 -32.34 9.57
CA ALA A 1 18.83 -31.18 9.85
C ALA A 1 17.37 -31.54 9.56
N ILE A 2 16.46 -30.88 10.28
CA ILE A 2 15.03 -31.13 10.11
C ILE A 2 14.43 -30.18 9.09
N GLY A 3 13.32 -30.59 8.48
CA GLY A 3 12.66 -29.77 7.49
C GLY A 3 11.82 -28.67 8.10
N ASN A 4 10.64 -29.04 8.61
CA ASN A 4 9.74 -28.07 9.24
C ASN A 4 9.32 -27.00 8.24
N MET A 5 9.45 -27.30 6.96
CA MET A 5 9.09 -26.36 5.91
C MET A 5 7.69 -25.79 6.12
N GLU A 6 7.64 -24.55 6.59
CA GLU A 6 6.37 -23.87 6.84
C GLU A 6 6.38 -22.46 6.27
N GLN A 7 7.27 -22.22 5.31
CA GLN A 7 7.40 -20.91 4.68
C GLN A 7 7.19 -19.77 5.68
N PRO A 8 7.99 -19.74 6.76
CA PRO A 8 7.88 -18.70 7.79
C PRO A 8 8.76 -17.49 7.49
N HIS A 9 8.98 -17.22 6.20
CA HIS A 9 9.81 -16.09 5.80
C HIS A 9 9.32 -15.49 4.48
N MET A 10 8.61 -14.38 4.57
CA MET A 10 8.08 -13.71 3.39
C MET A 10 8.57 -12.27 3.31
N ASP A 11 9.80 -12.04 3.78
CA ASP A 11 10.40 -10.70 3.77
C ASP A 11 9.74 -9.81 4.83
N SER A 12 8.43 -9.63 4.72
CA SER A 12 7.70 -8.79 5.66
C SER A 12 6.24 -9.22 5.72
N ARG A 13 5.76 -9.51 6.93
CA ARG A 13 4.37 -9.92 7.13
C ARG A 13 3.43 -8.75 6.94
N ILE A 14 3.70 -7.65 7.63
CA ILE A 14 2.86 -6.45 7.54
C ILE A 14 3.18 -5.67 6.26
N GLY A 15 2.24 -4.83 5.85
CA GLY A 15 2.43 -4.03 4.66
C GLY A 15 1.19 -3.89 3.82
N TRP A 16 0.03 -4.20 4.39
CA TRP A 16 -1.24 -4.09 3.68
C TRP A 16 -1.39 -2.72 3.06
N LEU A 17 -0.92 -1.71 3.78
CA LEU A 17 -0.96 -0.33 3.30
C LEU A 17 0.07 -0.14 2.19
N HIS A 18 1.07 -1.01 2.19
CA HIS A 18 2.14 -0.98 1.23
C HIS A 18 1.84 -1.90 0.06
N ASN A 19 0.56 -2.21 -0.12
CA ASN A 19 0.12 -3.09 -1.20
C ASN A 19 -1.05 -2.46 -1.94
N LEU A 20 -2.02 -1.96 -1.19
CA LEU A 20 -3.20 -1.32 -1.77
C LEU A 20 -2.81 -0.02 -2.48
N GLY A 21 -1.72 0.58 -2.04
CA GLY A 21 -1.26 1.82 -2.64
C GLY A 21 -0.82 1.65 -4.08
N ASP A 22 -0.36 0.45 -4.41
CA ASP A 22 0.09 0.15 -5.76
C ASP A 22 -1.04 -0.45 -6.59
N GLN A 23 -1.90 -1.22 -5.94
CA GLN A 23 -3.02 -1.86 -6.62
C GLN A 23 -4.03 -0.81 -7.11
N ILE A 24 -4.21 0.24 -6.31
CA ILE A 24 -5.14 1.30 -6.65
C ILE A 24 -4.60 2.16 -7.79
N GLY A 25 -3.30 2.44 -7.74
CA GLY A 25 -2.68 3.25 -8.78
C GLY A 25 -3.13 4.69 -8.73
N LYS A 26 -2.19 5.61 -8.56
CA LYS A 26 -2.49 7.03 -8.50
C LYS A 26 -2.03 7.75 -9.76
N PRO A 27 -2.80 8.75 -10.23
CA PRO A 27 -2.46 9.51 -11.44
C PRO A 27 -1.05 10.11 -11.36
N TYR A 28 -0.83 10.95 -10.35
CA TYR A 28 0.46 11.59 -10.16
C TYR A 28 0.42 12.53 -8.96
N ASN A 29 1.09 12.14 -7.88
CA ASN A 29 1.12 12.95 -6.66
C ASN A 29 1.69 14.35 -6.95
N SER A 30 0.84 15.22 -7.49
CA SER A 30 1.25 16.57 -7.81
C SER A 30 2.59 16.60 -8.54
N SER A 31 2.87 15.55 -9.29
CA SER A 31 4.12 15.45 -10.04
C SER A 31 3.93 15.90 -11.49
N GLY A 32 4.82 16.76 -11.96
CA GLY A 32 4.74 17.25 -13.32
C GLY A 32 5.21 16.22 -14.34
N LEU A 33 6.04 15.30 -13.90
CA LEU A 33 6.57 14.25 -14.78
C LEU A 33 5.42 13.43 -15.38
N GLY A 34 5.75 12.65 -16.40
CA GLY A 34 4.75 11.83 -17.05
C GLY A 34 4.74 12.00 -18.55
N GLY A 35 3.65 12.55 -19.08
CA GLY A 35 3.53 12.78 -20.51
C GLY A 35 2.65 13.96 -20.86
N PRO A 36 2.90 14.60 -22.01
CA PRO A 36 2.10 15.77 -22.44
C PRO A 36 0.68 15.39 -22.82
N SER A 37 0.52 14.24 -23.46
CA SER A 37 -0.79 13.75 -23.87
C SER A 37 -1.72 13.63 -22.67
N ILE A 38 -1.21 13.03 -21.61
CA ILE A 38 -1.99 12.84 -20.39
C ILE A 38 -2.26 14.17 -19.70
N LYS A 39 -1.19 14.87 -19.34
CA LYS A 39 -1.30 16.16 -18.67
C LYS A 39 -2.29 17.07 -19.40
N ASP A 40 -2.40 16.88 -20.71
CA ASP A 40 -3.32 17.67 -21.52
C ASP A 40 -4.71 17.05 -21.53
N LYS A 41 -4.76 15.74 -21.32
CA LYS A 41 -6.03 15.03 -21.29
C LYS A 41 -6.78 15.36 -20.00
N TYR A 42 -6.06 15.87 -19.02
CA TYR A 42 -6.65 16.25 -17.74
C TYR A 42 -6.07 17.56 -17.23
N ALA A 1 2.79 -31.20 19.88
CA ALA A 1 2.71 -29.92 19.13
C ALA A 1 3.65 -29.93 17.92
N ILE A 2 3.09 -29.63 16.75
CA ILE A 2 3.88 -29.61 15.52
C ILE A 2 4.43 -28.21 15.26
N GLY A 3 5.48 -28.15 14.43
CA GLY A 3 6.09 -26.87 14.12
C GLY A 3 5.10 -25.88 13.54
N ASN A 4 4.05 -26.39 12.91
CA ASN A 4 3.03 -25.54 12.30
C ASN A 4 3.59 -24.78 11.11
N MET A 5 3.55 -25.40 9.95
CA MET A 5 4.05 -24.81 8.73
C MET A 5 3.34 -23.48 8.43
N GLU A 6 3.44 -23.03 7.19
CA GLU A 6 2.81 -21.79 6.78
C GLU A 6 1.29 -21.87 6.91
N GLN A 7 0.80 -21.66 8.14
CA GLN A 7 -0.63 -21.71 8.40
C GLN A 7 -1.18 -20.31 8.68
N PRO A 8 -2.50 -20.12 8.56
CA PRO A 8 -3.14 -18.83 8.80
C PRO A 8 -3.02 -18.38 10.26
N HIS A 9 -2.00 -17.57 10.54
CA HIS A 9 -1.78 -17.08 11.90
C HIS A 9 -2.07 -15.59 11.99
N MET A 10 -3.35 -15.24 12.04
CA MET A 10 -3.77 -13.84 12.14
C MET A 10 -3.25 -13.03 10.95
N ASP A 11 -3.01 -13.71 9.83
CA ASP A 11 -2.51 -13.06 8.62
C ASP A 11 -1.24 -12.29 8.90
N SER A 12 -0.12 -13.01 8.96
CA SER A 12 1.18 -12.39 9.23
C SER A 12 1.64 -11.58 8.02
N ARG A 13 2.85 -11.03 8.12
CA ARG A 13 3.42 -10.22 7.03
C ARG A 13 2.69 -8.89 6.91
N ILE A 14 3.23 -7.87 7.56
CA ILE A 14 2.64 -6.54 7.54
C ILE A 14 2.99 -5.80 6.24
N GLY A 15 2.20 -4.79 5.91
CA GLY A 15 2.44 -4.02 4.70
C GLY A 15 1.22 -3.86 3.84
N TRP A 16 0.04 -4.19 4.39
CA TRP A 16 -1.20 -4.07 3.63
C TRP A 16 -1.33 -2.69 3.01
N LEU A 17 -0.89 -1.68 3.75
CA LEU A 17 -0.93 -0.30 3.27
C LEU A 17 0.13 -0.11 2.20
N HIS A 18 1.12 -0.98 2.21
CA HIS A 18 2.22 -0.96 1.26
C HIS A 18 1.92 -1.86 0.07
N ASN A 19 0.65 -2.16 -0.15
CA ASN A 19 0.21 -3.01 -1.24
C ASN A 19 -0.95 -2.36 -1.98
N LEU A 20 -1.91 -1.85 -1.23
CA LEU A 20 -3.08 -1.20 -1.81
C LEU A 20 -2.69 0.11 -2.50
N GLY A 21 -1.58 0.70 -2.05
CA GLY A 21 -1.13 1.95 -2.64
C GLY A 21 -0.69 1.80 -4.07
N ASP A 22 -0.38 0.57 -4.48
CA ASP A 22 0.05 0.31 -5.86
C ASP A 22 -1.08 -0.29 -6.69
N GLN A 23 -1.78 -1.25 -6.11
CA GLN A 23 -2.89 -1.92 -6.80
C GLN A 23 -4.06 -0.98 -7.00
N ILE A 24 -4.16 0.04 -6.14
CA ILE A 24 -5.24 1.02 -6.22
C ILE A 24 -5.34 1.61 -7.63
N GLY A 25 -4.21 1.64 -8.33
CA GLY A 25 -4.20 2.19 -9.67
C GLY A 25 -4.26 3.71 -9.68
N LYS A 26 -3.28 4.33 -10.34
CA LYS A 26 -3.22 5.78 -10.42
C LYS A 26 -4.18 6.31 -11.47
N PRO A 27 -4.65 7.56 -11.33
CA PRO A 27 -5.58 8.18 -12.27
C PRO A 27 -4.90 8.56 -13.58
N TYR A 28 -4.38 7.54 -14.27
CA TYR A 28 -3.70 7.70 -15.56
C TYR A 28 -4.18 8.95 -16.31
N ASN A 29 -5.23 8.77 -17.08
CA ASN A 29 -5.81 9.85 -17.86
C ASN A 29 -7.32 9.94 -17.65
N SER A 30 -7.72 10.33 -16.45
CA SER A 30 -9.14 10.45 -16.12
C SER A 30 -9.58 11.91 -16.16
N SER A 31 -8.95 12.69 -17.04
CA SER A 31 -9.28 14.10 -17.19
C SER A 31 -9.99 14.36 -18.51
N GLY A 32 -10.15 15.64 -18.86
CA GLY A 32 -10.80 16.00 -20.10
C GLY A 32 -10.14 17.16 -20.80
N LEU A 33 -10.14 18.32 -20.16
CA LEU A 33 -9.53 19.51 -20.72
C LEU A 33 -8.02 19.34 -20.88
N GLY A 34 -7.41 20.24 -21.64
CA GLY A 34 -5.98 20.17 -21.85
C GLY A 34 -5.61 20.16 -23.32
N GLY A 35 -4.35 20.49 -23.63
CA GLY A 35 -3.90 20.51 -25.00
C GLY A 35 -2.67 19.66 -25.22
N PRO A 36 -2.84 18.38 -25.58
CA PRO A 36 -1.73 17.46 -25.82
C PRO A 36 -0.97 17.79 -27.11
N SER A 37 -1.72 18.03 -28.18
CA SER A 37 -1.12 18.36 -29.47
C SER A 37 -0.15 19.53 -29.35
N ILE A 38 -0.56 20.56 -28.62
CA ILE A 38 0.28 21.74 -28.42
C ILE A 38 1.49 21.42 -27.55
N LYS A 39 1.23 20.96 -26.33
CA LYS A 39 2.29 20.63 -25.39
C LYS A 39 3.35 19.76 -26.06
N ASP A 40 2.94 18.97 -27.05
CA ASP A 40 3.87 18.10 -27.77
C ASP A 40 4.50 18.84 -28.95
N LYS A 41 3.79 19.84 -29.45
CA LYS A 41 4.29 20.64 -30.57
C LYS A 41 5.44 21.53 -30.10
N TYR A 42 5.51 21.74 -28.79
CA TYR A 42 6.57 22.58 -28.21
C TYR A 42 7.06 21.98 -26.91
N ALA A 1 10.81 -19.70 29.48
CA ALA A 1 9.88 -18.57 29.29
C ALA A 1 8.51 -18.89 29.88
N ILE A 2 7.56 -17.98 29.66
CA ILE A 2 6.21 -18.16 30.18
C ILE A 2 5.30 -18.81 29.13
N GLY A 3 4.43 -19.70 29.58
CA GLY A 3 3.53 -20.39 28.67
C GLY A 3 2.22 -19.64 28.49
N ASN A 4 2.31 -18.35 28.15
CA ASN A 4 1.12 -17.53 27.95
C ASN A 4 0.87 -17.29 26.46
N MET A 5 1.76 -16.53 25.83
CA MET A 5 1.65 -16.21 24.42
C MET A 5 1.36 -17.48 23.60
N GLU A 6 0.24 -17.47 22.87
CA GLU A 6 -0.15 -18.60 22.05
C GLU A 6 -0.66 -18.14 20.70
N GLN A 7 -0.17 -17.01 20.23
CA GLN A 7 -0.57 -16.46 18.94
C GLN A 7 0.38 -16.89 17.83
N PRO A 8 -0.03 -16.75 16.56
CA PRO A 8 0.79 -17.13 15.41
C PRO A 8 1.87 -16.10 15.11
N HIS A 9 2.84 -15.99 16.02
CA HIS A 9 3.94 -15.03 15.86
C HIS A 9 5.06 -15.65 15.04
N MET A 10 4.84 -15.78 13.74
CA MET A 10 5.83 -16.36 12.84
C MET A 10 6.78 -15.29 12.31
N ASP A 11 6.52 -14.84 11.09
CA ASP A 11 7.34 -13.82 10.46
C ASP A 11 6.46 -12.73 9.85
N SER A 12 5.59 -12.16 10.67
CA SER A 12 4.70 -11.09 10.21
C SER A 12 5.49 -9.90 9.70
N ARG A 13 5.43 -9.67 8.39
CA ARG A 13 6.15 -8.56 7.78
C ARG A 13 5.21 -7.38 7.48
N ILE A 14 3.91 -7.60 7.66
CA ILE A 14 2.91 -6.56 7.42
C ILE A 14 3.17 -5.82 6.11
N GLY A 15 2.44 -4.72 5.89
CA GLY A 15 2.61 -3.93 4.69
C GLY A 15 1.34 -3.83 3.86
N TRP A 16 0.21 -4.19 4.47
CA TRP A 16 -1.07 -4.12 3.77
C TRP A 16 -1.26 -2.75 3.13
N LEU A 17 -0.93 -1.71 3.89
CA LEU A 17 -1.03 -0.34 3.40
C LEU A 17 -0.04 -0.12 2.27
N HIS A 18 0.98 -0.97 2.24
CA HIS A 18 2.02 -0.92 1.24
C HIS A 18 1.70 -1.85 0.07
N ASN A 19 0.43 -2.21 -0.05
CA ASN A 19 -0.04 -3.09 -1.11
C ASN A 19 -1.19 -2.44 -1.86
N LEU A 20 -2.20 -2.01 -1.12
CA LEU A 20 -3.38 -1.37 -1.70
C LEU A 20 -2.97 -0.12 -2.47
N GLY A 21 -1.88 0.51 -2.04
CA GLY A 21 -1.41 1.71 -2.70
C GLY A 21 -0.97 1.46 -4.12
N ASP A 22 -0.37 0.29 -4.35
CA ASP A 22 0.11 -0.09 -5.68
C ASP A 22 -1.05 -0.56 -6.55
N GLN A 23 -1.99 -1.27 -5.93
CA GLN A 23 -3.16 -1.78 -6.65
C GLN A 23 -3.95 -0.64 -7.29
N ILE A 24 -4.17 0.42 -6.53
CA ILE A 24 -4.90 1.58 -7.01
C ILE A 24 -4.05 2.40 -7.97
N GLY A 25 -2.94 2.91 -7.47
CA GLY A 25 -2.06 3.72 -8.28
C GLY A 25 -2.65 5.07 -8.62
N LYS A 26 -2.34 6.05 -7.79
CA LYS A 26 -2.84 7.41 -7.98
C LYS A 26 -1.68 8.41 -8.00
N PRO A 27 -1.09 8.64 -9.19
CA PRO A 27 0.03 9.58 -9.34
C PRO A 27 -0.30 10.96 -8.79
N TYR A 28 -1.27 11.63 -9.41
CA TYR A 28 -1.67 12.97 -8.98
C TYR A 28 -2.64 13.59 -9.98
N ASN A 29 -3.86 13.06 -10.03
CA ASN A 29 -4.88 13.55 -10.94
C ASN A 29 -4.35 13.65 -12.37
N SER A 30 -4.52 12.57 -13.13
CA SER A 30 -4.05 12.53 -14.51
C SER A 30 -5.16 12.95 -15.47
N SER A 31 -5.76 14.11 -15.21
CA SER A 31 -6.82 14.63 -16.05
C SER A 31 -6.29 15.04 -17.41
N GLY A 32 -7.15 14.97 -18.43
CA GLY A 32 -6.74 15.34 -19.77
C GLY A 32 -7.84 15.14 -20.79
N LEU A 33 -8.64 14.09 -20.59
CA LEU A 33 -9.74 13.78 -21.51
C LEU A 33 -10.69 14.96 -21.64
N GLY A 34 -11.55 14.91 -22.64
CA GLY A 34 -12.51 15.99 -22.86
C GLY A 34 -13.94 15.51 -22.84
N GLY A 35 -14.45 15.23 -21.64
CA GLY A 35 -15.81 14.76 -21.50
C GLY A 35 -16.53 15.41 -20.33
N PRO A 36 -17.82 15.74 -20.48
CA PRO A 36 -18.60 16.37 -19.40
C PRO A 36 -18.99 15.37 -18.31
N SER A 37 -19.45 14.20 -18.72
CA SER A 37 -19.85 13.16 -17.78
C SER A 37 -18.70 12.83 -16.82
N ILE A 38 -17.51 12.69 -17.38
CA ILE A 38 -16.34 12.36 -16.58
C ILE A 38 -15.95 13.54 -15.69
N LYS A 39 -15.66 14.68 -16.31
CA LYS A 39 -15.28 15.88 -15.57
C LYS A 39 -16.22 16.13 -14.39
N ASP A 40 -17.46 15.68 -14.53
CA ASP A 40 -18.46 15.84 -13.47
C ASP A 40 -18.45 14.66 -12.52
N LYS A 41 -17.99 13.51 -13.01
CA LYS A 41 -17.91 12.31 -12.19
C LYS A 41 -16.79 12.44 -11.17
N TYR A 42 -15.85 13.36 -11.43
CA TYR A 42 -14.73 13.59 -10.51
C TYR A 42 -14.58 15.08 -10.22
N ALA A 1 -9.21 -21.00 15.13
CA ALA A 1 -9.39 -19.70 14.43
C ALA A 1 -8.05 -19.06 14.10
N ILE A 2 -7.75 -18.95 12.82
CA ILE A 2 -6.49 -18.35 12.38
C ILE A 2 -6.68 -16.89 11.97
N GLY A 3 -7.75 -16.28 12.46
CA GLY A 3 -8.03 -14.89 12.14
C GLY A 3 -8.92 -14.76 10.93
N ASN A 4 -8.32 -14.76 9.74
CA ASN A 4 -9.06 -14.64 8.50
C ASN A 4 -8.18 -15.00 7.31
N MET A 5 -6.94 -14.54 7.33
CA MET A 5 -5.99 -14.79 6.27
C MET A 5 -5.92 -16.28 5.93
N GLU A 6 -5.93 -16.60 4.64
CA GLU A 6 -5.86 -17.97 4.19
C GLU A 6 -4.43 -18.37 3.82
N GLN A 7 -3.46 -17.69 4.42
CA GLN A 7 -2.06 -17.95 4.15
C GLN A 7 -1.28 -18.11 5.46
N PRO A 8 -0.20 -18.93 5.44
CA PRO A 8 0.62 -19.16 6.62
C PRO A 8 1.51 -17.96 6.96
N HIS A 9 1.11 -17.20 7.97
CA HIS A 9 1.87 -16.04 8.40
C HIS A 9 2.41 -16.23 9.82
N MET A 10 1.67 -15.72 10.81
CA MET A 10 2.08 -15.84 12.21
C MET A 10 3.57 -15.56 12.40
N ASP A 11 4.02 -14.41 11.91
CA ASP A 11 5.42 -14.03 12.03
C ASP A 11 5.58 -12.50 12.06
N SER A 12 5.62 -11.89 10.88
CA SER A 12 5.77 -10.44 10.79
C SER A 12 5.94 -10.01 9.32
N ARG A 13 4.84 -9.90 8.61
CA ARG A 13 4.87 -9.50 7.21
C ARG A 13 4.36 -8.07 7.03
N ILE A 14 3.12 -7.84 7.47
CA ILE A 14 2.49 -6.52 7.38
C ILE A 14 2.76 -5.87 6.02
N GLY A 15 2.44 -4.58 5.91
CA GLY A 15 2.65 -3.86 4.67
C GLY A 15 1.38 -3.76 3.84
N TRP A 16 0.24 -4.06 4.45
CA TRP A 16 -1.03 -4.00 3.75
C TRP A 16 -1.20 -2.64 3.07
N LEU A 17 -0.81 -1.59 3.78
CA LEU A 17 -0.88 -0.24 3.25
C LEU A 17 0.11 -0.09 2.10
N HIS A 18 1.11 -0.96 2.11
CA HIS A 18 2.14 -0.99 1.10
C HIS A 18 1.78 -1.97 -0.02
N ASN A 19 0.50 -2.27 -0.14
CA ASN A 19 0.00 -3.18 -1.15
C ASN A 19 -1.16 -2.55 -1.93
N LEU A 20 -2.12 -2.03 -1.19
CA LEU A 20 -3.28 -1.38 -1.80
C LEU A 20 -2.87 -0.11 -2.52
N GLY A 21 -1.81 0.53 -2.03
CA GLY A 21 -1.34 1.76 -2.64
C GLY A 21 -0.93 1.57 -4.09
N ASP A 22 -0.15 0.51 -4.34
CA ASP A 22 0.32 0.21 -5.69
C ASP A 22 -0.83 -0.34 -6.54
N GLN A 23 -1.67 -1.16 -5.93
CA GLN A 23 -2.80 -1.75 -6.63
C GLN A 23 -3.78 -0.67 -7.09
N ILE A 24 -3.78 0.47 -6.40
CA ILE A 24 -4.66 1.58 -6.74
C ILE A 24 -6.08 1.08 -7.02
N GLY A 25 -6.78 0.69 -5.97
CA GLY A 25 -8.14 0.20 -6.12
C GLY A 25 -9.13 1.30 -6.45
N LYS A 26 -8.69 2.54 -6.34
CA LYS A 26 -9.55 3.69 -6.62
C LYS A 26 -9.42 4.11 -8.09
N PRO A 27 -10.55 4.29 -8.79
CA PRO A 27 -10.54 4.70 -10.20
C PRO A 27 -10.17 6.16 -10.39
N TYR A 28 -10.65 7.01 -9.48
CA TYR A 28 -10.36 8.44 -9.56
C TYR A 28 -10.30 9.05 -8.17
N ASN A 29 -9.82 8.27 -7.20
CA ASN A 29 -9.70 8.73 -5.82
C ASN A 29 -10.98 9.41 -5.36
N SER A 30 -11.97 8.60 -4.98
CA SER A 30 -13.25 9.12 -4.51
C SER A 30 -13.29 9.15 -2.99
N SER A 31 -14.38 8.64 -2.40
CA SER A 31 -14.54 8.62 -0.95
C SER A 31 -14.93 9.99 -0.42
N GLY A 32 -16.21 10.14 -0.08
CA GLY A 32 -16.69 11.40 0.43
C GLY A 32 -18.21 11.42 0.58
N LEU A 33 -18.76 10.29 1.04
CA LEU A 33 -20.20 10.18 1.22
C LEU A 33 -20.69 11.09 2.34
N GLY A 34 -22.01 11.22 2.46
CA GLY A 34 -22.59 12.07 3.49
C GLY A 34 -23.40 13.21 2.91
N GLY A 35 -24.44 12.87 2.15
CA GLY A 35 -25.27 13.89 1.55
C GLY A 35 -26.00 13.39 0.31
N PRO A 36 -27.28 12.99 0.44
CA PRO A 36 -28.07 12.49 -0.69
C PRO A 36 -28.04 13.44 -1.88
N SER A 37 -27.98 14.74 -1.61
CA SER A 37 -27.93 15.75 -2.66
C SER A 37 -26.73 15.53 -3.56
N ILE A 38 -25.56 15.33 -2.94
CA ILE A 38 -24.33 15.11 -3.69
C ILE A 38 -24.38 13.79 -4.46
N LYS A 39 -24.55 12.69 -3.72
CA LYS A 39 -24.61 11.37 -4.33
C LYS A 39 -25.56 11.35 -5.53
N ASP A 40 -26.57 12.22 -5.50
CA ASP A 40 -27.53 12.31 -6.57
C ASP A 40 -27.05 13.26 -7.66
N LYS A 41 -26.22 14.22 -7.27
CA LYS A 41 -25.67 15.18 -8.21
C LYS A 41 -24.61 14.52 -9.08
N TYR A 42 -24.13 13.37 -8.64
CA TYR A 42 -23.11 12.63 -9.39
C TYR A 42 -23.35 11.13 -9.29
N ALA A 1 9.94 -5.86 27.21
CA ALA A 1 10.77 -6.73 28.07
C ALA A 1 10.95 -8.11 27.45
N ILE A 2 11.66 -8.99 28.16
CA ILE A 2 11.89 -10.35 27.67
C ILE A 2 11.30 -11.39 28.62
N GLY A 3 11.06 -12.58 28.10
CA GLY A 3 10.50 -13.65 28.92
C GLY A 3 9.48 -14.48 28.17
N ASN A 4 9.78 -14.79 26.91
CA ASN A 4 8.88 -15.59 26.08
C ASN A 4 9.47 -15.78 24.69
N MET A 5 9.62 -14.68 23.95
CA MET A 5 10.17 -14.72 22.61
C MET A 5 11.42 -15.59 22.54
N GLU A 6 11.48 -16.46 21.54
CA GLU A 6 12.62 -17.35 21.36
C GLU A 6 12.53 -18.11 20.04
N GLN A 7 11.33 -18.57 19.71
CA GLN A 7 11.11 -19.31 18.47
C GLN A 7 10.95 -18.35 17.30
N PRO A 8 11.20 -18.84 16.07
CA PRO A 8 11.09 -18.03 14.85
C PRO A 8 9.64 -17.83 14.43
N HIS A 9 9.06 -16.71 14.82
CA HIS A 9 7.68 -16.39 14.48
C HIS A 9 7.61 -15.42 13.32
N MET A 10 8.31 -14.29 13.45
CA MET A 10 8.33 -13.28 12.41
C MET A 10 6.92 -12.77 12.11
N ASP A 11 6.37 -12.01 13.05
CA ASP A 11 5.03 -11.46 12.89
C ASP A 11 5.08 -9.93 12.78
N SER A 12 6.17 -9.42 12.22
CA SER A 12 6.35 -7.98 12.06
C SER A 12 6.54 -7.63 10.58
N ARG A 13 5.97 -8.44 9.70
CA ARG A 13 6.08 -8.21 8.27
C ARG A 13 4.76 -7.67 7.71
N ILE A 14 4.30 -6.56 8.28
CA ILE A 14 3.06 -5.94 7.83
C ILE A 14 3.31 -5.07 6.60
N GLY A 15 2.41 -5.18 5.62
CA GLY A 15 2.56 -4.39 4.41
C GLY A 15 1.26 -4.23 3.63
N TRP A 16 0.14 -4.59 4.23
CA TRP A 16 -1.16 -4.46 3.56
C TRP A 16 -1.33 -3.05 3.02
N LEU A 17 -1.01 -2.06 3.85
CA LEU A 17 -1.10 -0.67 3.45
C LEU A 17 -0.08 -0.37 2.35
N HIS A 18 0.91 -1.25 2.27
CA HIS A 18 1.97 -1.13 1.28
C HIS A 18 1.63 -1.97 0.05
N ASN A 19 0.36 -2.31 -0.09
CA ASN A 19 -0.11 -3.09 -1.22
C ASN A 19 -1.26 -2.38 -1.93
N LEU A 20 -2.21 -1.88 -1.14
CA LEU A 20 -3.35 -1.17 -1.68
C LEU A 20 -2.90 0.05 -2.48
N GLY A 21 -1.76 0.62 -2.10
CA GLY A 21 -1.24 1.78 -2.78
C GLY A 21 -0.82 1.47 -4.21
N ASP A 22 -0.34 0.25 -4.43
CA ASP A 22 0.10 -0.18 -5.74
C ASP A 22 -1.09 -0.63 -6.59
N GLN A 23 -2.10 -1.19 -5.93
CA GLN A 23 -3.29 -1.66 -6.62
C GLN A 23 -4.03 -0.50 -7.27
N ILE A 24 -4.21 0.58 -6.53
CA ILE A 24 -4.90 1.76 -7.04
C ILE A 24 -3.92 2.73 -7.69
N GLY A 25 -3.05 3.32 -6.89
CA GLY A 25 -2.07 4.26 -7.41
C GLY A 25 -2.43 5.71 -7.11
N LYS A 26 -3.43 5.92 -6.27
CA LYS A 26 -3.86 7.25 -5.91
C LYS A 26 -2.71 8.07 -5.31
N PRO A 27 -2.58 9.35 -5.68
CA PRO A 27 -1.51 10.22 -5.19
C PRO A 27 -1.67 10.56 -3.71
N TYR A 28 -1.69 9.52 -2.87
CA TYR A 28 -1.83 9.67 -1.41
C TYR A 28 -2.50 10.99 -1.02
N ASN A 29 -3.81 11.07 -1.26
CA ASN A 29 -4.57 12.27 -0.93
C ASN A 29 -4.05 13.48 -1.70
N SER A 30 -2.99 14.10 -1.19
CA SER A 30 -2.39 15.27 -1.84
C SER A 30 -0.97 15.50 -1.33
N SER A 31 -0.01 15.34 -2.23
CA SER A 31 1.41 15.54 -1.89
C SER A 31 2.22 15.94 -3.12
N GLY A 32 1.99 15.22 -4.22
CA GLY A 32 2.70 15.51 -5.45
C GLY A 32 1.78 15.62 -6.64
N LEU A 33 0.77 16.49 -6.53
CA LEU A 33 -0.20 16.68 -7.60
C LEU A 33 0.22 17.81 -8.52
N GLY A 34 1.49 18.21 -8.43
CA GLY A 34 2.01 19.27 -9.26
C GLY A 34 1.62 19.11 -10.73
N GLY A 35 1.22 20.21 -11.35
CA GLY A 35 0.82 20.16 -12.75
C GLY A 35 1.98 20.47 -13.69
N PRO A 36 1.98 21.64 -14.34
CA PRO A 36 3.04 22.02 -15.27
C PRO A 36 4.38 22.25 -14.58
N SER A 37 4.33 22.60 -13.30
CA SER A 37 5.55 22.84 -12.53
C SER A 37 6.45 21.61 -12.56
N ILE A 38 5.96 20.52 -11.98
CA ILE A 38 6.72 19.28 -11.93
C ILE A 38 6.90 18.70 -13.33
N LYS A 39 5.80 18.59 -14.07
CA LYS A 39 5.84 18.06 -15.41
C LYS A 39 6.91 18.73 -16.25
N ASP A 40 7.25 19.97 -15.91
CA ASP A 40 8.27 20.72 -16.63
C ASP A 40 9.62 20.62 -15.92
N LYS A 41 9.59 20.30 -14.63
CA LYS A 41 10.81 20.16 -13.86
C LYS A 41 11.54 18.88 -14.25
N TYR A 42 10.80 17.95 -14.86
CA TYR A 42 11.39 16.68 -15.30
C TYR A 42 10.83 16.27 -16.66
N ALA A 1 22.28 -15.79 18.56
CA ALA A 1 20.96 -15.61 17.92
C ALA A 1 21.09 -14.75 16.66
N ILE A 2 20.31 -15.10 15.64
CA ILE A 2 20.33 -14.37 14.38
C ILE A 2 19.25 -13.29 14.36
N GLY A 3 19.57 -12.15 13.76
CA GLY A 3 18.62 -11.06 13.68
C GLY A 3 17.45 -11.37 12.76
N ASN A 4 16.53 -12.22 13.25
CA ASN A 4 15.36 -12.60 12.46
C ASN A 4 14.23 -13.05 13.38
N MET A 5 14.23 -12.55 14.61
CA MET A 5 13.21 -12.90 15.58
C MET A 5 11.80 -12.80 14.99
N GLU A 6 10.99 -13.83 15.21
CA GLU A 6 9.63 -13.85 14.69
C GLU A 6 8.69 -14.58 15.65
N GLN A 7 8.47 -14.00 16.82
CA GLN A 7 7.60 -14.61 17.82
C GLN A 7 6.20 -13.98 17.80
N PRO A 8 6.10 -12.66 18.02
CA PRO A 8 4.81 -11.96 18.04
C PRO A 8 4.33 -11.55 16.66
N HIS A 9 4.51 -12.44 15.68
CA HIS A 9 4.08 -12.17 14.31
C HIS A 9 4.28 -13.40 13.43
N MET A 10 3.38 -14.37 13.57
CA MET A 10 3.45 -15.60 12.78
C MET A 10 2.34 -15.65 11.73
N ASP A 11 1.71 -14.51 11.47
CA ASP A 11 0.64 -14.43 10.48
C ASP A 11 0.12 -13.01 10.36
N SER A 12 1.02 -12.04 10.44
CA SER A 12 0.66 -10.63 10.33
C SER A 12 0.84 -10.13 8.91
N ARG A 13 2.03 -10.35 8.35
CA ARG A 13 2.33 -9.92 6.98
C ARG A 13 2.14 -8.41 6.85
N ILE A 14 2.92 -7.66 7.61
CA ILE A 14 2.84 -6.20 7.57
C ILE A 14 3.11 -5.67 6.17
N GLY A 15 2.54 -4.51 5.87
CA GLY A 15 2.72 -3.90 4.56
C GLY A 15 1.43 -3.83 3.77
N TRP A 16 0.31 -4.18 4.40
CA TRP A 16 -0.98 -4.15 3.73
C TRP A 16 -1.20 -2.80 3.06
N LEU A 17 -0.85 -1.74 3.79
CA LEU A 17 -0.96 -0.38 3.27
C LEU A 17 0.03 -0.18 2.14
N HIS A 18 1.05 -1.01 2.14
CA HIS A 18 2.10 -0.98 1.14
C HIS A 18 1.78 -1.93 -0.01
N ASN A 19 0.50 -2.26 -0.15
CA ASN A 19 0.03 -3.17 -1.19
C ASN A 19 -1.14 -2.55 -1.93
N LEU A 20 -2.13 -2.08 -1.17
CA LEU A 20 -3.30 -1.45 -1.76
C LEU A 20 -2.94 -0.14 -2.44
N GLY A 21 -1.88 0.50 -1.96
CA GLY A 21 -1.45 1.75 -2.55
C GLY A 21 -0.93 1.59 -3.96
N ASP A 22 -0.48 0.38 -4.29
CA ASP A 22 0.04 0.10 -5.62
C ASP A 22 -1.06 -0.43 -6.53
N GLN A 23 -1.92 -1.29 -5.98
CA GLN A 23 -3.01 -1.86 -6.76
C GLN A 23 -3.94 -0.77 -7.28
N ILE A 24 -4.17 0.25 -6.46
CA ILE A 24 -5.04 1.35 -6.84
C ILE A 24 -4.22 2.53 -7.36
N GLY A 25 -3.19 2.23 -8.14
CA GLY A 25 -2.35 3.27 -8.70
C GLY A 25 -2.85 3.78 -10.03
N LYS A 26 -4.07 3.39 -10.41
CA LYS A 26 -4.67 3.81 -11.67
C LYS A 26 -4.61 5.33 -11.83
N PRO A 27 -3.72 5.84 -12.71
CA PRO A 27 -3.59 7.28 -12.94
C PRO A 27 -4.62 7.81 -13.92
N TYR A 28 -5.43 6.92 -14.48
CA TYR A 28 -6.45 7.32 -15.44
C TYR A 28 -7.58 6.29 -15.51
N ASN A 29 -8.64 6.52 -14.73
CA ASN A 29 -9.78 5.62 -14.70
C ASN A 29 -9.36 4.22 -14.25
N SER A 30 -8.83 3.43 -15.17
CA SER A 30 -8.39 2.07 -14.86
C SER A 30 -7.50 1.53 -15.99
N SER A 31 -7.78 0.32 -16.44
CA SER A 31 -7.00 -0.29 -17.51
C SER A 31 -7.44 0.21 -18.88
N GLY A 32 -6.55 0.90 -19.57
CA GLY A 32 -6.87 1.43 -20.88
C GLY A 32 -6.17 0.68 -21.99
N LEU A 33 -4.84 0.58 -21.89
CA LEU A 33 -4.05 -0.10 -22.90
C LEU A 33 -4.47 -1.57 -23.03
N GLY A 34 -3.67 -2.35 -23.74
CA GLY A 34 -3.98 -3.76 -23.92
C GLY A 34 -5.13 -3.98 -24.89
N GLY A 35 -5.40 -5.24 -25.20
CA GLY A 35 -6.49 -5.55 -26.13
C GLY A 35 -6.79 -7.03 -26.18
N PRO A 36 -5.84 -7.87 -26.66
CA PRO A 36 -6.04 -9.32 -26.77
C PRO A 36 -6.10 -10.00 -25.40
N SER A 37 -5.14 -9.67 -24.53
CA SER A 37 -5.10 -10.26 -23.20
C SER A 37 -6.41 -10.03 -22.46
N ILE A 38 -6.95 -8.83 -22.58
CA ILE A 38 -8.20 -8.49 -21.93
C ILE A 38 -9.38 -9.19 -22.60
N LYS A 39 -9.57 -8.92 -23.89
CA LYS A 39 -10.66 -9.53 -24.64
C LYS A 39 -10.72 -11.04 -24.41
N ASP A 40 -9.57 -11.64 -24.14
CA ASP A 40 -9.50 -13.07 -23.89
C ASP A 40 -9.71 -13.38 -22.41
N LYS A 41 -9.39 -12.40 -21.57
CA LYS A 41 -9.56 -12.57 -20.13
C LYS A 41 -11.03 -12.51 -19.76
N TYR A 42 -11.84 -11.99 -20.67
CA TYR A 42 -13.28 -11.88 -20.44
C TYR A 42 -14.05 -12.11 -21.73
N ALA A 1 9.15 -14.34 30.85
CA ALA A 1 7.94 -13.60 31.28
C ALA A 1 8.31 -12.42 32.18
N ILE A 2 8.44 -11.24 31.57
CA ILE A 2 8.80 -10.03 32.31
C ILE A 2 7.64 -9.04 32.32
N GLY A 3 6.43 -9.54 32.09
CA GLY A 3 5.26 -8.69 32.09
C GLY A 3 5.35 -7.59 31.05
N ASN A 4 5.42 -7.97 29.78
CA ASN A 4 5.52 -7.01 28.69
C ASN A 4 5.37 -7.70 27.34
N MET A 5 4.17 -8.22 27.07
CA MET A 5 3.89 -8.91 25.82
C MET A 5 4.45 -8.14 24.62
N GLU A 6 5.57 -8.62 24.09
CA GLU A 6 6.21 -7.99 22.94
C GLU A 6 7.09 -8.97 22.20
N GLN A 7 6.65 -10.23 22.11
CA GLN A 7 7.40 -11.26 21.44
C GLN A 7 6.72 -11.67 20.13
N PRO A 8 7.43 -12.39 19.25
CA PRO A 8 6.89 -12.84 17.97
C PRO A 8 5.62 -13.68 18.13
N HIS A 9 4.48 -13.01 18.22
CA HIS A 9 3.21 -13.70 18.39
C HIS A 9 2.34 -13.52 17.15
N MET A 10 2.83 -13.99 16.01
CA MET A 10 2.09 -13.89 14.75
C MET A 10 1.80 -12.43 14.41
N ASP A 11 2.85 -11.64 14.24
CA ASP A 11 2.70 -10.23 13.91
C ASP A 11 3.10 -9.97 12.46
N SER A 12 2.49 -10.72 11.54
CA SER A 12 2.76 -10.56 10.12
C SER A 12 1.71 -9.70 9.45
N ARG A 13 1.79 -9.59 8.12
CA ARG A 13 0.84 -8.81 7.36
C ARG A 13 0.93 -7.32 7.74
N ILE A 14 2.08 -6.71 7.49
CA ILE A 14 2.29 -5.31 7.81
C ILE A 14 2.39 -4.47 6.54
N GLY A 15 2.80 -5.09 5.44
CA GLY A 15 2.93 -4.38 4.19
C GLY A 15 1.61 -4.24 3.45
N TRP A 16 0.52 -4.66 4.07
CA TRP A 16 -0.80 -4.56 3.44
C TRP A 16 -1.03 -3.15 2.92
N LEU A 17 -0.74 -2.18 3.77
CA LEU A 17 -0.88 -0.77 3.40
C LEU A 17 0.10 -0.44 2.28
N HIS A 18 1.14 -1.25 2.19
CA HIS A 18 2.18 -1.11 1.19
C HIS A 18 1.84 -1.92 -0.05
N ASN A 19 0.58 -2.30 -0.18
CA ASN A 19 0.11 -3.09 -1.32
C ASN A 19 -1.06 -2.39 -2.00
N LEU A 20 -2.01 -1.91 -1.19
CA LEU A 20 -3.18 -1.22 -1.71
C LEU A 20 -2.78 0.06 -2.43
N GLY A 21 -1.72 0.69 -1.93
CA GLY A 21 -1.24 1.93 -2.54
C GLY A 21 -0.85 1.76 -3.99
N ASP A 22 -0.40 0.56 -4.34
CA ASP A 22 0.02 0.27 -5.72
C ASP A 22 -1.10 -0.42 -6.48
N GLN A 23 -1.91 -1.19 -5.78
CA GLN A 23 -3.02 -1.92 -6.39
C GLN A 23 -4.09 -0.95 -6.90
N ILE A 24 -4.22 0.18 -6.22
CA ILE A 24 -5.20 1.20 -6.61
C ILE A 24 -4.55 2.32 -7.41
N GLY A 25 -3.48 2.88 -6.86
CA GLY A 25 -2.78 3.96 -7.54
C GLY A 25 -2.91 5.28 -6.79
N LYS A 26 -1.78 5.78 -6.29
CA LYS A 26 -1.77 7.04 -5.56
C LYS A 26 -0.94 8.09 -6.31
N PRO A 27 -1.57 9.21 -6.69
CA PRO A 27 -0.88 10.29 -7.42
C PRO A 27 0.36 10.78 -6.68
N TYR A 28 0.17 11.33 -5.50
CA TYR A 28 1.28 11.84 -4.69
C TYR A 28 0.80 12.21 -3.28
N ASN A 29 -0.19 11.49 -2.78
CA ASN A 29 -0.73 11.74 -1.46
C ASN A 29 -1.15 13.22 -1.29
N SER A 30 -0.20 14.06 -0.91
CA SER A 30 -0.48 15.48 -0.72
C SER A 30 0.78 16.31 -0.95
N SER A 31 1.52 15.99 -2.01
CA SER A 31 2.75 16.71 -2.34
C SER A 31 2.67 17.32 -3.73
N GLY A 32 3.46 18.35 -3.97
CA GLY A 32 3.47 19.01 -5.27
C GLY A 32 4.31 18.28 -6.29
N LEU A 33 5.38 17.63 -5.82
CA LEU A 33 6.27 16.90 -6.70
C LEU A 33 5.57 15.64 -7.25
N GLY A 34 6.22 14.99 -8.21
CA GLY A 34 5.66 13.79 -8.80
C GLY A 34 6.61 12.61 -8.76
N GLY A 35 7.04 12.16 -9.94
CA GLY A 35 7.96 11.04 -10.02
C GLY A 35 8.35 10.71 -11.44
N PRO A 36 7.43 10.17 -12.25
CA PRO A 36 7.70 9.81 -13.64
C PRO A 36 7.95 11.04 -14.52
N SER A 37 7.26 12.13 -14.21
CA SER A 37 7.40 13.37 -14.96
C SER A 37 8.86 13.83 -14.99
N ILE A 38 9.44 14.05 -13.83
CA ILE A 38 10.80 14.49 -13.70
C ILE A 38 11.76 13.41 -14.23
N LYS A 39 11.57 12.18 -13.76
CA LYS A 39 12.41 11.07 -14.18
C LYS A 39 12.54 11.03 -15.71
N ASP A 40 11.50 11.50 -16.39
CA ASP A 40 11.50 11.53 -17.85
C ASP A 40 12.01 12.86 -18.37
N LYS A 41 11.94 13.89 -17.54
CA LYS A 41 12.40 15.22 -17.93
C LYS A 41 13.94 15.25 -17.97
N TYR A 42 14.55 14.28 -17.29
CA TYR A 42 16.00 14.19 -17.25
C TYR A 42 16.46 12.74 -17.30
N ALA A 1 -2.84 -30.09 16.94
CA ALA A 1 -2.55 -28.68 16.59
C ALA A 1 -1.05 -28.41 16.54
N ILE A 2 -0.52 -28.25 15.33
CA ILE A 2 0.90 -28.00 15.13
C ILE A 2 1.23 -26.53 15.38
N GLY A 3 2.51 -26.25 15.63
CA GLY A 3 2.93 -24.88 15.88
C GLY A 3 3.18 -24.10 14.60
N ASN A 4 2.91 -24.72 13.45
CA ASN A 4 3.11 -24.06 12.16
C ASN A 4 1.80 -23.95 11.39
N MET A 5 0.90 -24.89 11.63
CA MET A 5 -0.40 -24.92 10.95
C MET A 5 -1.03 -23.53 10.90
N GLU A 6 -1.07 -22.95 9.70
CA GLU A 6 -1.65 -21.62 9.51
C GLU A 6 -0.97 -20.59 10.39
N GLN A 7 0.34 -20.71 10.55
CA GLN A 7 1.11 -19.79 11.38
C GLN A 7 1.47 -18.53 10.60
N PRO A 8 2.02 -18.69 9.37
CA PRO A 8 2.41 -17.55 8.54
C PRO A 8 1.22 -16.98 7.78
N HIS A 9 1.48 -16.39 6.61
CA HIS A 9 0.42 -15.80 5.79
C HIS A 9 -0.10 -14.51 6.42
N MET A 10 0.69 -13.45 6.34
CA MET A 10 0.31 -12.17 6.91
C MET A 10 0.67 -11.03 5.96
N ASP A 11 0.30 -11.19 4.69
CA ASP A 11 0.60 -10.18 3.67
C ASP A 11 2.10 -9.97 3.53
N SER A 12 2.86 -11.04 3.70
CA SER A 12 4.31 -10.98 3.59
C SER A 12 4.90 -10.03 4.63
N ARG A 13 4.71 -10.38 5.90
CA ARG A 13 5.23 -9.55 6.99
C ARG A 13 4.63 -8.14 6.94
N ILE A 14 3.33 -8.05 7.20
CA ILE A 14 2.63 -6.77 7.19
C ILE A 14 2.93 -5.96 5.94
N GLY A 15 2.23 -4.84 5.78
CA GLY A 15 2.43 -4.00 4.61
C GLY A 15 1.17 -3.80 3.79
N TRP A 16 0.02 -4.11 4.38
CA TRP A 16 -1.25 -3.97 3.70
C TRP A 16 -1.37 -2.57 3.08
N LEU A 17 -0.90 -1.58 3.82
CA LEU A 17 -0.94 -0.20 3.34
C LEU A 17 0.10 0.00 2.25
N HIS A 18 1.09 -0.88 2.24
CA HIS A 18 2.17 -0.85 1.29
C HIS A 18 1.87 -1.76 0.10
N ASN A 19 0.59 -2.07 -0.08
CA ASN A 19 0.15 -2.93 -1.17
C ASN A 19 -1.01 -2.28 -1.92
N LEU A 20 -1.98 -1.77 -1.16
CA LEU A 20 -3.14 -1.12 -1.76
C LEU A 20 -2.75 0.16 -2.47
N GLY A 21 -1.62 0.75 -2.06
CA GLY A 21 -1.15 1.97 -2.68
C GLY A 21 -0.79 1.78 -4.14
N ASP A 22 -0.26 0.62 -4.48
CA ASP A 22 0.12 0.31 -5.85
C ASP A 22 -0.97 -0.47 -6.57
N GLN A 23 -1.72 -1.27 -5.81
CA GLN A 23 -2.80 -2.06 -6.37
C GLN A 23 -3.97 -1.18 -6.79
N ILE A 24 -4.12 -0.05 -6.12
CA ILE A 24 -5.19 0.89 -6.43
C ILE A 24 -5.09 1.41 -7.86
N GLY A 25 -3.87 1.79 -8.25
CA GLY A 25 -3.66 2.29 -9.60
C GLY A 25 -4.04 3.76 -9.74
N LYS A 26 -3.12 4.56 -10.25
CA LYS A 26 -3.36 5.99 -10.44
C LYS A 26 -3.80 6.27 -11.88
N PRO A 27 -5.07 6.69 -12.07
CA PRO A 27 -5.60 6.99 -13.41
C PRO A 27 -4.96 8.23 -14.04
N TYR A 28 -4.43 9.11 -13.19
CA TYR A 28 -3.78 10.33 -13.67
C TYR A 28 -2.82 10.89 -12.62
N ASN A 29 -2.09 10.01 -11.96
CA ASN A 29 -1.14 10.40 -10.93
C ASN A 29 -1.83 11.17 -9.81
N SER A 30 -2.04 12.47 -10.01
CA SER A 30 -2.69 13.31 -9.02
C SER A 30 -2.84 14.74 -9.52
N SER A 31 -3.31 14.87 -10.76
CA SER A 31 -3.50 16.19 -11.37
C SER A 31 -2.17 16.94 -11.47
N GLY A 32 -1.38 16.60 -12.48
CA GLY A 32 -0.10 17.26 -12.67
C GLY A 32 0.36 17.24 -14.10
N LEU A 33 -0.51 17.68 -15.01
CA LEU A 33 -0.20 17.72 -16.41
C LEU A 33 1.01 18.61 -16.69
N GLY A 34 2.11 17.98 -17.11
CA GLY A 34 3.33 18.73 -17.39
C GLY A 34 4.43 17.85 -17.95
N GLY A 35 4.58 16.66 -17.37
CA GLY A 35 5.60 15.74 -17.82
C GLY A 35 7.01 16.33 -17.70
N PRO A 36 7.62 16.24 -16.51
CA PRO A 36 8.97 16.77 -16.27
C PRO A 36 10.03 16.00 -17.05
N SER A 37 9.85 14.69 -17.14
CA SER A 37 10.80 13.84 -17.86
C SER A 37 10.93 14.27 -19.31
N ILE A 38 9.80 14.63 -19.93
CA ILE A 38 9.79 15.07 -21.31
C ILE A 38 10.41 16.46 -21.45
N LYS A 39 9.80 17.44 -20.80
CA LYS A 39 10.28 18.82 -20.86
C LYS A 39 11.79 18.88 -20.60
N ASP A 40 12.29 17.93 -19.83
CA ASP A 40 13.72 17.87 -19.51
C ASP A 40 14.47 17.07 -20.57
N LYS A 41 13.78 16.15 -21.22
CA LYS A 41 14.37 15.32 -22.25
C LYS A 41 14.56 16.14 -23.53
N TYR A 42 13.88 17.28 -23.61
CA TYR A 42 13.98 18.15 -24.78
C TYR A 42 13.88 19.62 -24.37
#